data_2Z8W
#
_entry.id   2Z8W
#
_cell.length_a   76.480
_cell.length_b   76.480
_cell.length_c   140.978
_cell.angle_alpha   90.00
_cell.angle_beta   90.00
_cell.angle_gamma   120.00
#
_symmetry.space_group_name_H-M   'P 31'
#
loop_
_entity.id
_entity.type
_entity.pdbx_description
1 polymer 'Apical membrane antigen 1'
2 polymer 'New antigen receptor variable domain'
3 water water
#
loop_
_entity_poly.entity_id
_entity_poly.type
_entity_poly.pdbx_seq_one_letter_code
_entity_poly.pdbx_strand_id
1 'polypeptide(L)'
;NYMGNPWTEYMAKYDIEEVHGSGIRVDLGEDAEVAGTQYRLPSGKCPVFGKGIIIENSNTTFLTPVATGNQYLKDGGFAF
PPTEPLMSPMTLDEMRHFYKDNKYVKNLDELTLCSRHAGNMIPDNDKNSNYKYPAVYDDKDKKCHILYIAAQENNGPRYC
NKDESKRNSMFCFRPAKDISFQNYTYLSKNVVDNWEKVCPRKNLQNAKFGLWVDGNCEDIPHVNEFPAIDLFECNKLVFE
LSASDQPKQYEQHLTDYEKIKEGFKNKNASMIKSAFLPTGAFKADRYKSHGKGYNWGNYNTETQKCEIFNVKPTCLINNS
SYIATTALSHPIEVE
;
A,B
2 'polypeptide(L)'
;AWVDQTPRTATKETGESLTINCVLRDASFELKDTGWYRTKLGSTNEQSISIGGRYVETVNKGSKSFSLRISDLRVEDSGT
YKCQAFYSLLLRDYNYSLLFRGEKGAGTALTVKAAA
;
C,D
#
# COMPACT_ATOMS: atom_id res chain seq x y z
N ASN A 1 28.04 40.05 -18.21
CA ASN A 1 28.43 40.32 -16.79
C ASN A 1 27.29 40.15 -15.77
N TYR A 2 26.34 41.08 -15.77
CA TYR A 2 25.11 40.92 -14.95
C TYR A 2 24.68 39.47 -14.97
N MET A 3 24.45 38.91 -13.77
CA MET A 3 24.08 37.51 -13.60
C MET A 3 22.78 37.31 -12.81
N GLY A 4 21.99 38.37 -12.71
CA GLY A 4 20.68 38.25 -12.09
C GLY A 4 19.68 37.53 -12.97
N ASN A 5 18.46 37.41 -12.47
CA ASN A 5 17.38 36.78 -13.20
C ASN A 5 16.06 37.45 -12.86
N PRO A 6 15.45 38.12 -13.85
CA PRO A 6 14.17 38.82 -13.65
C PRO A 6 13.02 37.85 -13.32
N TRP A 7 13.24 36.56 -13.52
CA TRP A 7 12.29 35.50 -13.14
C TRP A 7 12.32 35.14 -11.64
N THR A 8 13.38 35.57 -10.95
CA THR A 8 13.61 35.09 -9.58
C THR A 8 12.39 35.15 -8.63
N GLU A 9 11.78 36.32 -8.51
CA GLU A 9 10.62 36.46 -7.64
C GLU A 9 9.46 35.58 -8.09
N TYR A 10 9.13 35.63 -9.38
CA TYR A 10 8.02 34.85 -9.88
C TYR A 10 8.23 33.36 -9.57
N MET A 11 9.47 32.88 -9.67
CA MET A 11 9.74 31.43 -9.64
C MET A 11 10.03 30.85 -8.26
N ALA A 12 10.07 31.72 -7.24
CA ALA A 12 10.39 31.33 -5.88
C ALA A 12 9.45 30.20 -5.43
N LYS A 13 8.18 30.33 -5.79
CA LYS A 13 7.20 29.34 -5.36
C LYS A 13 7.37 27.99 -6.05
N TYR A 14 8.24 27.89 -7.04
CA TYR A 14 8.58 26.58 -7.61
C TYR A 14 9.92 26.11 -7.04
N ASP A 15 10.54 26.92 -6.19
CA ASP A 15 11.72 26.47 -5.46
C ASP A 15 11.25 25.67 -4.24
N ILE A 16 10.77 24.46 -4.54
CA ILE A 16 10.03 23.63 -3.61
C ILE A 16 10.88 23.21 -2.41
N GLU A 17 12.12 22.83 -2.68
CA GLU A 17 13.04 22.52 -1.61
C GLU A 17 13.22 23.69 -0.62
N GLU A 18 13.02 24.93 -1.09
CA GLU A 18 13.00 26.08 -0.16
C GLU A 18 11.64 26.40 0.49
N VAL A 19 10.58 26.65 -0.29
CA VAL A 19 9.30 27.00 0.32
C VAL A 19 8.69 25.86 1.13
N HIS A 20 8.80 24.63 0.63
CA HIS A 20 8.19 23.48 1.26
C HIS A 20 9.10 22.86 2.31
N GLY A 21 10.32 22.52 1.90
CA GLY A 21 11.35 22.05 2.82
C GLY A 21 11.18 20.65 3.36
N SER A 22 10.17 19.92 2.90
CA SER A 22 9.99 18.54 3.34
C SER A 22 9.59 17.62 2.19
N GLY A 23 9.50 16.31 2.45
CA GLY A 23 8.89 15.37 1.51
C GLY A 23 7.49 15.77 1.08
N ILE A 24 7.01 15.21 -0.04
CA ILE A 24 5.68 15.54 -0.58
C ILE A 24 4.83 14.28 -0.72
N ARG A 25 5.34 13.25 -1.40
CA ARG A 25 4.65 11.97 -1.43
C ARG A 25 4.47 11.48 0.01
N VAL A 26 5.56 11.55 0.80
CA VAL A 26 5.58 11.17 2.18
C VAL A 26 6.37 12.25 2.92
N ASP A 27 5.70 12.93 3.88
CA ASP A 27 6.27 14.02 4.65
C ASP A 27 6.45 13.62 6.11
N LEU A 28 7.69 13.40 6.52
CA LEU A 28 8.05 13.23 7.91
C LEU A 28 9.32 14.02 8.16
N GLY A 29 9.25 15.32 7.85
CA GLY A 29 10.41 16.22 7.85
C GLY A 29 10.98 16.59 9.21
N GLU A 30 10.13 16.58 10.24
CA GLU A 30 10.56 16.90 11.59
C GLU A 30 10.38 15.72 12.54
N ASP A 31 11.09 15.80 13.66
CA ASP A 31 10.88 14.91 14.81
C ASP A 31 10.43 15.77 15.99
N ALA A 32 9.44 15.30 16.73
CA ALA A 32 9.08 15.98 17.96
C ALA A 32 9.16 15.00 19.13
N GLU A 33 9.37 15.53 20.32
CA GLU A 33 9.41 14.77 21.55
C GLU A 33 8.01 14.76 22.16
N VAL A 34 7.52 13.58 22.50
CA VAL A 34 6.30 13.45 23.29
C VAL A 34 6.65 12.60 24.48
N ALA A 35 6.37 13.10 25.68
CA ALA A 35 6.57 12.35 26.90
C ALA A 35 7.88 11.55 26.85
N GLY A 36 8.97 12.22 26.49
CA GLY A 36 10.30 11.61 26.47
C GLY A 36 10.69 10.92 25.17
N THR A 37 9.71 10.40 24.45
CA THR A 37 9.99 9.65 23.23
C THR A 37 9.87 10.52 21.99
N GLN A 38 10.77 10.29 21.05
CA GLN A 38 10.86 11.09 19.83
C GLN A 38 10.16 10.41 18.64
N TYR A 39 9.22 11.14 18.03
CA TYR A 39 8.47 10.66 16.89
C TYR A 39 8.64 11.56 15.68
N ARG A 40 8.62 10.96 14.49
CA ARG A 40 8.64 11.69 13.22
C ARG A 40 7.24 12.25 12.92
N LEU A 41 7.17 13.36 12.18
CA LEU A 41 5.91 13.99 11.79
C LEU A 41 5.99 14.88 10.53
N PRO A 42 4.85 15.10 9.85
CA PRO A 42 4.86 16.01 8.70
C PRO A 42 5.22 17.44 9.10
N SER A 43 5.82 18.17 8.17
CA SER A 43 6.38 19.47 8.45
C SER A 43 6.44 20.36 7.21
N GLY A 44 5.64 20.02 6.20
CA GLY A 44 5.67 20.75 4.94
C GLY A 44 5.05 22.13 5.07
N LYS A 45 5.76 23.16 4.59
CA LYS A 45 5.22 24.53 4.63
C LYS A 45 4.11 24.81 3.60
N CYS A 46 3.93 23.93 2.62
CA CYS A 46 2.92 24.16 1.59
C CYS A 46 1.87 23.08 1.70
N PRO A 47 0.61 23.39 1.34
CA PRO A 47 -0.46 22.43 1.17
C PRO A 47 -0.17 21.47 0.04
N VAL A 48 -0.51 20.19 0.23
CA VAL A 48 -0.42 19.21 -0.85
C VAL A 48 -1.82 18.92 -1.44
N PHE A 49 -2.08 19.56 -2.57
CA PHE A 49 -3.38 19.47 -3.23
C PHE A 49 -3.59 18.11 -3.89
N GLY A 50 -4.73 17.49 -3.54
CA GLY A 50 -5.12 16.24 -4.15
C GLY A 50 -4.73 15.01 -3.37
N LYS A 51 -3.86 15.17 -2.37
CA LYS A 51 -3.31 14.01 -1.68
C LYS A 51 -4.20 13.45 -0.57
N GLY A 52 -4.30 12.12 -0.56
CA GLY A 52 -4.88 11.37 0.55
C GLY A 52 -4.15 10.05 0.70
N ILE A 53 -4.70 9.17 1.54
CA ILE A 53 -4.08 7.87 1.78
C ILE A 53 -5.06 6.81 1.34
N ILE A 54 -4.56 5.81 0.62
CA ILE A 54 -5.40 4.69 0.21
C ILE A 54 -5.14 3.50 1.11
N ILE A 55 -6.19 3.00 1.74
CA ILE A 55 -6.07 1.84 2.61
C ILE A 55 -6.32 0.60 1.76
N GLU A 56 -5.39 -0.35 1.80
CA GLU A 56 -5.44 -1.55 0.97
C GLU A 56 -6.19 -2.66 1.72
N ASN A 57 -6.99 -3.44 0.98
CA ASN A 57 -7.98 -4.36 1.58
C ASN A 57 -8.71 -3.75 2.79
N SER A 58 -9.48 -2.70 2.53
CA SER A 58 -10.52 -2.24 3.43
C SER A 58 -11.56 -1.50 2.61
N ASN A 59 -12.80 -1.59 3.06
CA ASN A 59 -13.89 -0.78 2.51
C ASN A 59 -13.70 0.66 2.96
N THR A 60 -13.23 0.81 4.19
CA THR A 60 -13.20 2.07 4.90
C THR A 60 -12.16 3.04 4.33
N THR A 61 -12.61 4.28 4.16
CA THR A 61 -11.81 5.37 3.61
C THR A 61 -10.99 6.03 4.73
N PHE A 62 -9.99 6.82 4.39
CA PHE A 62 -9.03 7.30 5.37
C PHE A 62 -9.50 8.44 6.30
N LEU A 63 -10.57 9.14 5.92
CA LEU A 63 -11.12 10.19 6.78
C LEU A 63 -12.18 9.66 7.77
N THR A 64 -12.47 8.37 7.66
CA THR A 64 -13.25 7.65 8.68
C THR A 64 -12.43 7.59 9.98
N PRO A 65 -13.00 8.02 11.12
CA PRO A 65 -12.28 7.91 12.39
C PRO A 65 -11.57 6.59 12.66
N VAL A 66 -10.40 6.68 13.29
CA VAL A 66 -9.60 5.54 13.71
C VAL A 66 -10.43 4.55 14.58
N ALA A 67 -10.05 3.27 14.57
CA ALA A 67 -10.79 2.20 15.26
C ALA A 67 -10.79 2.35 16.78
N THR A 68 -11.97 2.46 17.37
CA THR A 68 -12.16 2.50 18.82
C THR A 68 -13.27 1.53 19.22
N GLY A 69 -14.01 1.06 18.21
CA GLY A 69 -15.18 0.20 18.41
C GLY A 69 -16.42 0.97 18.80
N ASN A 70 -16.81 1.95 17.95
CA ASN A 70 -17.97 2.81 18.23
C ASN A 70 -18.88 3.05 17.01
N GLN A 71 -18.70 4.20 16.35
CA GLN A 71 -19.68 4.70 15.38
C GLN A 71 -19.31 4.48 13.92
N TYR A 72 -18.02 4.63 13.58
CA TYR A 72 -17.59 4.53 12.20
C TYR A 72 -16.72 3.33 11.83
N LEU A 73 -17.40 2.21 11.57
CA LEU A 73 -16.93 1.12 10.63
C LEU A 73 -16.37 -0.21 11.18
N LYS A 74 -15.49 -0.11 12.19
CA LYS A 74 -14.52 -1.16 12.59
C LYS A 74 -13.36 -1.25 11.57
N ASP A 75 -12.15 -1.42 12.08
CA ASP A 75 -10.88 -1.33 11.34
C ASP A 75 -10.52 0.14 11.09
N GLY A 76 -11.54 0.93 10.77
CA GLY A 76 -11.47 2.38 10.78
C GLY A 76 -10.41 2.97 9.89
N GLY A 77 -10.27 4.29 9.97
CA GLY A 77 -9.34 5.00 9.12
C GLY A 77 -8.23 5.64 9.93
N PHE A 78 -7.99 6.91 9.61
CA PHE A 78 -6.82 7.63 10.08
C PHE A 78 -7.20 8.83 10.94
N ALA A 79 -8.50 9.13 10.99
CA ALA A 79 -8.99 10.36 11.61
C ALA A 79 -9.24 10.21 13.11
N PHE A 80 -9.13 11.33 13.82
CA PHE A 80 -9.46 11.42 15.26
C PHE A 80 -10.86 10.87 15.57
N PRO A 81 -10.96 10.06 16.66
CA PRO A 81 -12.23 9.48 17.06
C PRO A 81 -13.15 10.57 17.58
N PRO A 82 -14.48 10.29 17.62
CA PRO A 82 -15.43 11.31 18.07
C PRO A 82 -15.10 11.74 19.48
N THR A 83 -15.38 13.00 19.77
CA THR A 83 -15.11 13.54 21.10
C THR A 83 -16.26 14.40 21.57
N GLU A 84 -16.25 14.70 22.87
CA GLU A 84 -17.15 15.66 23.47
C GLU A 84 -16.36 16.77 24.15
N PRO A 85 -16.45 18.01 23.61
CA PRO A 85 -17.09 18.39 22.34
C PRO A 85 -16.28 17.99 21.11
N LEU A 86 -16.95 17.98 19.96
CA LEU A 86 -16.36 17.46 18.75
C LEU A 86 -15.48 18.51 18.07
N MET A 87 -14.18 18.27 18.05
CA MET A 87 -13.24 19.17 17.41
C MET A 87 -12.92 18.68 16.02
N SER A 88 -13.22 17.41 15.77
CA SER A 88 -12.94 16.79 14.48
C SER A 88 -13.95 15.70 14.12
N PRO A 89 -14.42 15.69 12.86
CA PRO A 89 -14.19 16.77 11.88
C PRO A 89 -15.01 18.01 12.20
N MET A 90 -14.63 19.15 11.62
CA MET A 90 -15.25 20.44 11.88
C MET A 90 -15.37 21.27 10.59
N THR A 91 -16.50 21.94 10.39
CA THR A 91 -16.70 22.73 9.15
C THR A 91 -16.02 24.11 9.21
N LEU A 92 -15.96 24.82 8.08
CA LEU A 92 -15.35 26.17 8.02
C LEU A 92 -16.06 27.17 8.91
N ASP A 93 -17.40 27.15 8.89
CA ASP A 93 -18.22 28.06 9.68
C ASP A 93 -18.07 27.73 11.15
N GLU A 94 -17.97 26.44 11.42
CA GLU A 94 -17.80 25.94 12.75
C GLU A 94 -16.45 26.38 13.32
N MET A 95 -15.40 26.27 12.52
CA MET A 95 -14.09 26.75 12.96
C MET A 95 -14.08 28.28 13.23
N ARG A 96 -14.57 29.05 12.27
CA ARG A 96 -14.64 30.50 12.40
C ARG A 96 -15.45 30.96 13.62
N HIS A 97 -16.36 30.11 14.08
CA HIS A 97 -17.18 30.40 15.24
C HIS A 97 -16.41 30.09 16.52
N PHE A 98 -15.81 28.90 16.56
CA PHE A 98 -14.93 28.50 17.66
C PHE A 98 -13.80 29.50 17.93
N TYR A 99 -13.19 30.04 16.88
CA TYR A 99 -12.09 31.00 17.01
C TYR A 99 -12.52 32.47 16.82
N LYS A 100 -13.82 32.73 17.01
CA LYS A 100 -14.41 34.06 16.74
C LYS A 100 -13.87 35.17 17.62
N ASP A 101 -13.30 34.84 18.77
CA ASP A 101 -12.72 35.85 19.65
C ASP A 101 -11.25 36.10 19.35
N ASN A 102 -10.72 35.39 18.36
CA ASN A 102 -9.33 35.48 17.97
C ASN A 102 -9.22 36.06 16.55
N LYS A 103 -8.90 37.34 16.46
CA LYS A 103 -8.91 38.12 15.19
C LYS A 103 -8.01 37.55 14.11
N TYR A 104 -6.83 37.07 14.50
CA TYR A 104 -5.93 36.54 13.49
C TYR A 104 -6.48 35.23 12.95
N VAL A 105 -6.80 34.32 13.87
CA VAL A 105 -7.22 32.98 13.50
C VAL A 105 -8.55 32.99 12.75
N LYS A 106 -9.50 33.81 13.21
CA LYS A 106 -10.84 33.80 12.61
C LYS A 106 -10.92 34.30 11.16
N ASN A 107 -9.85 34.93 10.68
CA ASN A 107 -9.78 35.47 9.32
C ASN A 107 -8.80 34.74 8.43
N LEU A 108 -8.22 33.65 8.94
CA LEU A 108 -7.28 32.85 8.18
C LEU A 108 -7.99 32.23 6.97
N ASP A 109 -7.23 31.83 5.96
CA ASP A 109 -7.81 31.10 4.87
C ASP A 109 -8.17 29.74 5.42
N GLU A 110 -9.11 29.05 4.76
CA GLU A 110 -9.63 27.75 5.18
C GLU A 110 -8.55 26.72 5.45
N LEU A 111 -7.52 26.69 4.61
CA LEU A 111 -6.45 25.72 4.76
C LEU A 111 -5.52 25.98 5.97
N THR A 112 -5.17 27.23 6.21
CA THR A 112 -4.28 27.54 7.33
C THR A 112 -5.03 27.40 8.64
N LEU A 113 -6.33 27.71 8.59
CA LEU A 113 -7.21 27.57 9.74
C LEU A 113 -7.24 26.09 10.15
N CYS A 114 -7.38 25.20 9.19
CA CYS A 114 -7.45 23.77 9.46
C CYS A 114 -6.19 23.20 10.10
N SER A 115 -5.03 23.54 9.53
CA SER A 115 -3.73 23.21 10.11
C SER A 115 -3.57 23.78 11.54
N ARG A 116 -3.91 25.05 11.72
CA ARG A 116 -3.87 25.68 13.04
C ARG A 116 -4.82 24.97 13.99
N HIS A 117 -6.06 24.76 13.56
CA HIS A 117 -7.00 24.06 14.40
C HIS A 117 -6.45 22.70 14.84
N ALA A 118 -5.95 21.92 13.89
CA ALA A 118 -5.30 20.64 14.15
C ALA A 118 -4.16 20.77 15.15
N GLY A 119 -3.47 21.91 15.06
CA GLY A 119 -2.32 22.17 15.90
C GLY A 119 -2.69 22.18 17.36
N ASN A 120 -3.98 22.32 17.64
CA ASN A 120 -4.45 22.45 19.01
C ASN A 120 -4.70 21.12 19.73
N MET A 121 -4.60 20.01 19.02
CA MET A 121 -4.76 18.70 19.62
C MET A 121 -3.52 18.28 20.36
N ILE A 122 -3.67 18.02 21.66
CA ILE A 122 -2.52 17.66 22.48
C ILE A 122 -2.14 16.20 22.27
N PRO A 123 -0.86 15.95 21.96
CA PRO A 123 -0.40 14.57 21.93
C PRO A 123 -0.28 14.00 23.35
N ASP A 124 -1.02 12.92 23.63
CA ASP A 124 -0.76 12.08 24.80
C ASP A 124 -0.59 12.92 26.10
N ASN A 125 -1.55 13.84 26.33
CA ASN A 125 -1.55 14.72 27.52
C ASN A 125 -0.21 15.43 27.79
N ASP A 126 0.62 15.58 26.77
CA ASP A 126 1.87 16.33 26.89
C ASP A 126 1.64 17.81 26.54
N LYS A 127 1.63 18.64 27.57
CA LYS A 127 1.30 20.06 27.45
C LYS A 127 2.36 20.85 26.71
N ASN A 128 3.64 20.58 26.98
CA ASN A 128 4.66 21.32 26.24
C ASN A 128 5.48 20.48 25.24
N SER A 129 4.75 19.89 24.28
CA SER A 129 5.32 19.07 23.23
C SER A 129 5.22 19.77 21.89
N ASN A 130 6.25 19.68 21.06
CA ASN A 130 6.20 20.31 19.74
C ASN A 130 5.39 19.51 18.71
N TYR A 131 4.97 18.32 19.11
CA TYR A 131 4.22 17.42 18.23
C TYR A 131 2.81 17.90 17.96
N LYS A 132 2.53 18.19 16.71
CA LYS A 132 1.21 18.56 16.26
C LYS A 132 0.79 17.65 15.10
N TYR A 133 -0.50 17.36 15.06
CA TYR A 133 -1.08 16.43 14.11
C TYR A 133 -1.34 17.12 12.80
N PRO A 134 -1.24 16.37 11.68
CA PRO A 134 -1.62 16.89 10.37
C PRO A 134 -3.11 16.81 10.19
N ALA A 135 -3.57 17.25 9.02
CA ALA A 135 -5.00 17.34 8.75
C ALA A 135 -5.27 17.42 7.27
N VAL A 136 -6.47 16.97 6.89
CA VAL A 136 -6.97 17.05 5.54
C VAL A 136 -8.23 17.90 5.47
N TYR A 137 -8.23 18.87 4.55
CA TYR A 137 -9.41 19.70 4.28
C TYR A 137 -10.09 19.27 2.97
N ASP A 138 -11.42 19.20 3.02
CA ASP A 138 -12.25 18.84 1.85
C ASP A 138 -13.09 20.03 1.41
N ASP A 139 -12.72 20.64 0.28
CA ASP A 139 -13.43 21.81 -0.27
C ASP A 139 -14.90 21.58 -0.64
N LYS A 140 -15.32 20.33 -0.82
CA LYS A 140 -16.74 20.10 -1.06
C LYS A 140 -17.51 20.25 0.25
N ASP A 141 -17.08 19.51 1.27
CA ASP A 141 -17.70 19.51 2.59
C ASP A 141 -17.46 20.81 3.32
N LYS A 142 -16.32 21.42 3.02
CA LYS A 142 -15.77 22.50 3.84
C LYS A 142 -15.33 21.99 5.21
N LYS A 143 -14.99 20.69 5.30
CA LYS A 143 -14.66 20.03 6.57
C LYS A 143 -13.17 19.82 6.80
N CYS A 144 -12.68 20.31 7.92
CA CYS A 144 -11.33 20.00 8.38
C CYS A 144 -11.35 18.68 9.12
N HIS A 145 -10.55 17.71 8.67
CA HIS A 145 -10.43 16.41 9.37
C HIS A 145 -9.07 16.30 10.03
N ILE A 146 -9.03 16.11 11.35
CA ILE A 146 -7.73 15.98 12.02
C ILE A 146 -7.22 14.54 11.98
N LEU A 147 -5.95 14.35 11.59
CA LEU A 147 -5.37 13.01 11.47
C LEU A 147 -4.68 12.50 12.72
N TYR A 148 -5.14 11.37 13.23
CA TYR A 148 -4.57 10.78 14.43
C TYR A 148 -3.37 9.97 14.04
N ILE A 149 -3.41 9.41 12.84
CA ILE A 149 -2.29 8.65 12.35
C ILE A 149 -1.54 9.51 11.36
N ALA A 150 -0.26 9.71 11.65
CA ALA A 150 0.59 10.64 10.90
C ALA A 150 1.49 9.90 9.90
N ALA A 151 1.53 8.57 10.01
CA ALA A 151 2.19 7.73 9.00
C ALA A 151 1.46 7.80 7.65
N GLN A 152 2.21 7.74 6.55
CA GLN A 152 1.61 7.90 5.23
C GLN A 152 1.72 6.66 4.31
N GLU A 153 2.62 5.74 4.64
CA GLU A 153 2.77 4.48 3.91
C GLU A 153 3.24 3.34 4.81
N ASN A 154 2.60 2.19 4.66
CA ASN A 154 3.14 0.93 5.13
C ASN A 154 2.65 -0.15 4.18
N ASN A 155 3.50 -0.54 3.24
CA ASN A 155 3.15 -1.66 2.36
C ASN A 155 4.30 -2.38 1.64
N GLY A 156 5.21 -2.95 2.43
CA GLY A 156 6.17 -3.91 1.88
C GLY A 156 5.43 -5.14 1.38
N PRO A 157 5.55 -5.45 0.07
CA PRO A 157 4.83 -6.56 -0.57
C PRO A 157 5.24 -7.96 -0.10
N ARG A 158 5.58 -8.10 1.17
CA ARG A 158 5.80 -9.42 1.78
C ARG A 158 4.63 -9.69 2.70
N TYR A 159 4.14 -8.64 3.34
CA TYR A 159 2.85 -8.65 4.04
C TYR A 159 2.20 -7.39 3.59
N CYS A 160 1.12 -7.51 2.81
CA CYS A 160 0.40 -6.38 2.20
C CYS A 160 0.03 -6.63 0.73
N ASN A 161 0.54 -7.73 0.16
CA ASN A 161 0.68 -7.84 -1.30
C ASN A 161 -0.54 -8.15 -2.17
N LYS A 162 -1.35 -9.13 -1.75
CA LYS A 162 -2.67 -9.38 -2.36
C LYS A 162 -3.38 -8.05 -2.13
N ASP A 163 -3.73 -7.85 -0.87
CA ASP A 163 -4.03 -6.55 -0.27
C ASP A 163 -3.91 -6.68 1.25
N GLU A 164 -3.78 -7.92 1.74
CA GLU A 164 -3.51 -8.25 3.14
C GLU A 164 -2.82 -9.62 3.32
N SER A 165 -3.02 -10.49 2.34
CA SER A 165 -2.36 -11.81 2.25
C SER A 165 -2.56 -12.85 3.38
N LYS A 166 -1.84 -12.65 4.49
CA LYS A 166 -1.64 -13.74 5.48
C LYS A 166 -2.50 -13.72 6.76
N ARG A 167 -1.93 -14.26 7.86
CA ARG A 167 -2.68 -14.67 9.05
C ARG A 167 -2.95 -13.62 10.15
N ASN A 168 -2.08 -12.62 10.27
CA ASN A 168 -2.21 -11.57 11.28
C ASN A 168 -1.53 -10.26 10.87
N SER A 169 -2.13 -9.57 9.91
CA SER A 169 -1.61 -8.28 9.43
C SER A 169 -2.38 -7.11 10.04
N MET A 170 -1.79 -5.92 9.98
CA MET A 170 -2.46 -4.69 10.44
C MET A 170 -2.05 -3.41 9.70
N PHE A 171 -2.98 -2.91 8.87
CA PHE A 171 -2.83 -1.68 8.06
C PHE A 171 -1.80 -1.73 6.92
N CYS A 172 -2.31 -1.70 5.70
CA CYS A 172 -1.50 -1.51 4.50
C CYS A 172 -2.08 -0.35 3.73
N PHE A 173 -1.22 0.58 3.34
CA PHE A 173 -1.70 1.85 2.83
C PHE A 173 -0.58 2.63 2.20
N ARG A 174 -0.95 3.59 1.36
CA ARG A 174 0.03 4.38 0.62
C ARG A 174 -0.60 5.71 0.27
N PRO A 175 0.23 6.76 0.15
CA PRO A 175 -0.29 8.02 -0.33
C PRO A 175 -0.66 7.92 -1.81
N ALA A 176 -1.66 8.67 -2.22
CA ALA A 176 -2.08 8.67 -3.62
C ALA A 176 -2.79 9.96 -3.95
N LYS A 177 -2.81 10.32 -5.22
CA LYS A 177 -3.74 11.33 -5.70
C LYS A 177 -4.85 10.60 -6.47
N ASP A 178 -5.66 9.87 -5.73
CA ASP A 178 -6.83 9.26 -6.33
C ASP A 178 -7.77 10.36 -6.80
N ILE A 179 -8.55 10.06 -7.84
CA ILE A 179 -9.54 10.97 -8.38
C ILE A 179 -10.55 11.40 -7.30
N SER A 180 -10.71 10.59 -6.26
CA SER A 180 -11.64 10.92 -5.19
C SER A 180 -11.00 11.78 -4.12
N PHE A 181 -9.69 12.02 -4.23
CA PHE A 181 -9.04 12.94 -3.31
C PHE A 181 -8.85 14.33 -3.92
N GLN A 182 -9.44 14.57 -5.09
CA GLN A 182 -9.18 15.80 -5.84
C GLN A 182 -9.50 17.09 -5.07
N ASN A 183 -10.46 17.02 -4.16
CA ASN A 183 -10.86 18.18 -3.38
C ASN A 183 -10.13 18.23 -2.05
N TYR A 184 -9.28 17.22 -1.83
CA TYR A 184 -8.60 17.10 -0.56
C TYR A 184 -7.31 17.85 -0.65
N THR A 185 -6.84 18.33 0.50
CA THR A 185 -5.51 18.87 0.64
C THR A 185 -4.90 18.24 1.88
N TYR A 186 -3.68 17.75 1.78
CA TYR A 186 -2.92 17.29 2.96
C TYR A 186 -2.18 18.50 3.56
N LEU A 187 -2.39 18.73 4.86
CA LEU A 187 -1.85 19.89 5.58
C LEU A 187 -1.01 19.45 6.76
N SER A 188 0.28 19.76 6.72
CA SER A 188 1.14 19.56 7.87
C SER A 188 0.93 20.69 8.88
N LYS A 189 1.53 20.53 10.04
CA LYS A 189 1.35 21.49 11.11
C LYS A 189 1.93 22.87 10.75
N ASN A 190 2.85 22.87 9.78
CA ASN A 190 3.66 24.05 9.38
C ASN A 190 3.16 24.85 8.18
N VAL A 191 2.02 24.48 7.60
CA VAL A 191 1.48 25.17 6.42
C VAL A 191 1.41 26.68 6.69
N VAL A 192 2.11 27.46 5.88
CA VAL A 192 2.21 28.88 6.15
C VAL A 192 0.94 29.63 5.79
N ASP A 193 0.71 30.75 6.46
CA ASP A 193 -0.54 31.48 6.28
C ASP A 193 -0.58 32.28 4.99
N ASN A 194 0.57 32.39 4.33
CA ASN A 194 0.69 33.09 3.06
C ASN A 194 0.96 32.13 1.91
N TRP A 195 0.45 30.90 2.03
CA TRP A 195 0.66 29.87 0.99
C TRP A 195 0.17 30.26 -0.40
N GLU A 196 -0.95 30.98 -0.48
CA GLU A 196 -1.55 31.26 -1.79
C GLU A 196 -0.71 32.24 -2.60
N LYS A 197 0.44 32.62 -2.03
CA LYS A 197 1.34 33.55 -2.70
C LYS A 197 2.77 32.99 -2.87
N VAL A 198 3.14 32.03 -2.00
CA VAL A 198 4.48 31.43 -2.00
C VAL A 198 4.46 29.94 -2.29
N CYS A 199 3.26 29.38 -2.47
CA CYS A 199 3.15 27.96 -2.74
C CYS A 199 2.44 27.74 -4.09
N PRO A 200 2.78 26.65 -4.78
CA PRO A 200 2.02 26.31 -6.00
C PRO A 200 0.58 25.88 -5.70
N ARG A 201 -0.35 26.13 -6.64
CA ARG A 201 -1.71 25.59 -6.54
C ARG A 201 -2.21 25.16 -7.91
N LYS A 202 -2.59 26.14 -8.72
CA LYS A 202 -3.10 25.90 -10.07
C LYS A 202 -1.97 25.59 -11.05
N ASN A 203 -2.22 24.63 -11.94
CA ASN A 203 -1.29 24.32 -13.02
C ASN A 203 -1.25 25.42 -14.06
N LEU A 204 -0.11 25.56 -14.75
CA LEU A 204 0.08 26.68 -15.66
C LEU A 204 -0.15 26.31 -17.12
N GLN A 205 -1.29 26.77 -17.64
CA GLN A 205 -1.65 26.57 -19.05
C GLN A 205 -0.65 27.26 -19.97
N ASN A 206 -0.31 26.59 -21.07
CA ASN A 206 0.54 27.16 -22.12
C ASN A 206 1.91 27.57 -21.60
N ALA A 207 2.35 26.91 -20.54
CA ALA A 207 3.67 27.18 -19.97
C ALA A 207 4.47 25.90 -19.79
N LYS A 208 5.77 26.02 -20.01
CA LYS A 208 6.73 24.95 -19.82
C LYS A 208 7.84 25.50 -18.90
N PHE A 209 8.21 24.74 -17.86
CA PHE A 209 9.37 25.11 -17.07
C PHE A 209 10.63 25.07 -17.91
N GLY A 210 11.56 25.95 -17.58
CA GLY A 210 12.87 25.98 -18.22
C GLY A 210 13.95 26.49 -17.26
N LEU A 211 15.19 26.53 -17.76
CA LEU A 211 16.30 27.16 -17.04
C LEU A 211 16.76 28.47 -17.65
N TRP A 212 16.98 29.46 -16.79
CA TRP A 212 17.53 30.74 -17.21
C TRP A 212 19.02 30.56 -17.46
N VAL A 213 19.44 30.74 -18.71
CA VAL A 213 20.84 30.56 -19.09
C VAL A 213 21.24 31.65 -20.08
N ASP A 214 22.22 32.47 -19.69
CA ASP A 214 22.71 33.56 -20.53
C ASP A 214 21.57 34.47 -21.00
N GLY A 215 20.77 34.95 -20.05
CA GLY A 215 19.68 35.89 -20.36
C GLY A 215 18.55 35.29 -21.16
N ASN A 216 18.46 33.96 -21.15
CA ASN A 216 17.51 33.21 -21.96
C ASN A 216 16.92 32.00 -21.26
N CYS A 217 15.61 31.78 -21.45
CA CYS A 217 14.95 30.60 -20.91
C CYS A 217 15.14 29.41 -21.87
N GLU A 218 15.96 28.44 -21.44
CA GLU A 218 16.22 27.24 -22.22
C GLU A 218 15.49 26.06 -21.60
N ASP A 219 15.23 25.02 -22.40
CA ASP A 219 14.63 23.77 -21.96
C ASP A 219 15.35 23.21 -20.76
N ILE A 220 14.66 22.44 -19.93
CA ILE A 220 15.35 21.73 -18.86
C ILE A 220 16.26 20.69 -19.54
N PRO A 221 17.56 20.71 -19.18
CA PRO A 221 18.52 19.83 -19.81
C PRO A 221 18.15 18.36 -19.67
N HIS A 222 17.94 17.88 -18.45
CA HIS A 222 17.76 16.45 -18.26
C HIS A 222 16.39 16.10 -17.68
N VAL A 223 15.48 15.65 -18.56
CA VAL A 223 14.13 15.21 -18.13
C VAL A 223 13.89 13.72 -18.42
N ASN A 224 12.99 13.10 -17.66
CA ASN A 224 12.55 11.73 -17.91
C ASN A 224 11.12 11.76 -18.45
N GLU A 225 10.85 10.99 -19.50
CA GLU A 225 9.58 11.11 -20.18
C GLU A 225 8.64 9.92 -20.00
N PHE A 226 7.42 10.19 -19.53
CA PHE A 226 6.41 9.16 -19.33
C PHE A 226 5.12 9.44 -20.09
N PRO A 227 4.43 8.37 -20.55
CA PRO A 227 3.13 8.47 -21.20
C PRO A 227 2.07 8.89 -20.18
N ALA A 228 1.19 9.80 -20.57
CA ALA A 228 0.18 10.32 -19.67
C ALA A 228 -0.98 10.84 -20.46
N ILE A 229 -2.10 10.11 -20.37
CA ILE A 229 -3.29 10.38 -21.17
C ILE A 229 -3.89 11.77 -20.90
N ASP A 230 -3.63 12.33 -19.72
CA ASP A 230 -4.15 13.63 -19.40
C ASP A 230 -3.30 14.23 -18.31
N LEU A 231 -3.60 15.47 -17.97
CA LEU A 231 -2.84 16.22 -16.98
C LEU A 231 -2.86 15.56 -15.60
N PHE A 232 -4.03 15.04 -15.21
CA PHE A 232 -4.19 14.35 -13.95
C PHE A 232 -3.13 13.26 -13.85
N GLU A 233 -2.93 12.50 -14.94
CA GLU A 233 -2.01 11.36 -14.90
C GLU A 233 -0.55 11.80 -14.80
N CYS A 234 -0.25 12.92 -15.44
CA CYS A 234 1.07 13.49 -15.32
C CYS A 234 1.29 13.98 -13.89
N ASN A 235 0.26 14.55 -13.27
CA ASN A 235 0.38 15.03 -11.89
C ASN A 235 0.60 13.87 -10.93
N LYS A 236 -0.18 12.81 -11.08
CA LYS A 236 0.02 11.58 -10.34
C LYS A 236 1.46 11.06 -10.47
N LEU A 237 2.00 11.09 -11.69
CA LEU A 237 3.38 10.65 -11.93
C LEU A 237 4.42 11.51 -11.21
N VAL A 238 4.29 12.83 -11.31
CA VAL A 238 5.20 13.75 -10.63
C VAL A 238 5.13 13.54 -9.12
N PHE A 239 3.92 13.35 -8.61
CA PHE A 239 3.67 13.12 -7.19
C PHE A 239 4.26 11.77 -6.73
N GLU A 240 4.21 10.77 -7.58
CA GLU A 240 4.82 9.47 -7.28
C GLU A 240 6.35 9.55 -7.16
N LEU A 241 6.98 10.47 -7.91
CA LEU A 241 8.43 10.59 -7.98
C LEU A 241 8.99 11.74 -7.14
N SER A 242 8.11 12.49 -6.48
CA SER A 242 8.51 13.65 -5.72
C SER A 242 9.22 13.29 -4.41
N ALA A 243 9.74 14.32 -3.75
CA ALA A 243 10.40 14.18 -2.46
C ALA A 243 9.66 13.25 -1.50
N SER A 244 10.37 12.25 -1.00
CA SER A 244 9.83 11.27 -0.07
C SER A 244 10.66 11.19 1.22
N ASP A 245 9.98 11.14 2.37
CA ASP A 245 10.64 11.01 3.67
C ASP A 245 10.42 9.62 4.28
N GLN A 246 9.95 8.69 3.44
CA GLN A 246 9.69 7.31 3.83
C GLN A 246 11.00 6.62 4.15
N PRO A 247 11.04 5.81 5.24
CA PRO A 247 12.23 4.98 5.41
C PRO A 247 12.40 4.03 4.20
N LYS A 248 13.22 4.45 3.24
CA LYS A 248 13.46 3.74 1.96
C LYS A 248 14.21 2.42 2.17
N GLN A 249 14.62 2.16 3.42
CA GLN A 249 14.84 0.81 3.89
C GLN A 249 13.55 0.40 4.59
N TYR A 250 12.67 -0.25 3.86
CA TYR A 250 11.42 -0.74 4.43
C TYR A 250 11.62 -2.15 5.04
N GLU A 251 10.85 -2.44 6.08
CA GLU A 251 11.07 -3.64 6.91
C GLU A 251 10.28 -4.86 6.39
N GLN A 252 9.98 -5.80 7.28
CA GLN A 252 9.17 -7.00 6.99
C GLN A 252 8.09 -7.15 8.07
N HIS A 253 8.38 -7.94 9.11
CA HIS A 253 7.56 -7.99 10.33
C HIS A 253 7.98 -6.80 11.18
N LEU A 254 7.13 -5.78 11.22
CA LEU A 254 7.45 -4.49 11.84
C LEU A 254 7.92 -4.56 13.29
N THR A 255 9.16 -4.12 13.51
CA THR A 255 9.71 -3.89 14.83
C THR A 255 9.35 -2.47 15.26
N ASP A 256 9.35 -2.23 16.56
CA ASP A 256 8.92 -0.92 17.12
C ASP A 256 9.75 0.29 16.65
N TYR A 257 11.05 0.06 16.42
CA TYR A 257 11.93 1.08 15.86
C TYR A 257 11.54 1.42 14.43
N GLU A 258 11.16 0.38 13.67
CA GLU A 258 10.70 0.58 12.30
C GLU A 258 9.26 1.11 12.22
N LYS A 259 8.46 0.83 13.24
CA LYS A 259 7.12 1.42 13.37
C LYS A 259 7.22 2.96 13.48
N ILE A 260 8.02 3.43 14.44
CA ILE A 260 8.26 4.86 14.64
C ILE A 260 8.84 5.51 13.38
N LYS A 261 9.77 4.80 12.72
CA LYS A 261 10.44 5.30 11.51
C LYS A 261 9.46 5.61 10.38
N GLU A 262 8.31 4.93 10.38
CA GLU A 262 7.28 5.14 9.37
C GLU A 262 6.35 6.28 9.73
N GLY A 263 6.57 6.88 10.90
CA GLY A 263 5.68 7.91 11.41
C GLY A 263 4.49 7.37 12.20
N PHE A 264 4.69 6.26 12.91
CA PHE A 264 3.67 5.76 13.84
C PHE A 264 3.97 6.26 15.26
N LYS A 265 2.94 6.68 15.98
CA LYS A 265 3.12 7.17 17.34
C LYS A 265 2.49 6.20 18.33
N ASN A 266 1.30 5.71 17.98
CA ASN A 266 0.51 4.86 18.86
C ASN A 266 0.19 3.50 18.24
N LYS A 267 0.60 2.44 18.92
CA LYS A 267 0.13 1.08 18.63
C LYS A 267 -1.26 0.88 19.29
N ASN A 268 -1.82 2.01 19.72
CA ASN A 268 -3.16 2.12 20.34
C ASN A 268 -3.36 1.52 21.73
N ALA A 269 -2.53 0.54 22.09
CA ALA A 269 -2.50 0.02 23.46
C ALA A 269 -2.01 1.08 24.44
N SER A 270 -0.98 1.82 24.03
CA SER A 270 -0.48 3.01 24.71
C SER A 270 0.27 3.88 23.70
N MET A 271 1.51 4.23 24.03
CA MET A 271 2.43 4.86 23.06
C MET A 271 3.51 3.85 22.64
N ILE A 272 4.04 3.99 21.44
CA ILE A 272 5.19 3.19 20.99
C ILE A 272 6.46 3.83 21.56
N LYS A 273 7.17 3.11 22.42
CA LYS A 273 8.34 3.65 23.14
C LYS A 273 9.61 2.80 22.97
N SER A 274 10.57 3.33 22.21
CA SER A 274 11.83 2.63 21.92
C SER A 274 12.74 2.57 23.15
N ALA A 275 13.24 1.37 23.45
CA ALA A 275 14.09 1.14 24.63
C ALA A 275 15.59 1.31 24.32
N PHE A 276 15.95 1.15 23.05
CA PHE A 276 17.33 1.26 22.62
C PHE A 276 17.58 2.53 21.79
N LEU A 277 16.56 2.95 21.04
CA LEU A 277 16.59 4.18 20.24
C LEU A 277 17.50 4.05 19.00
N PRO A 278 17.42 5.03 18.06
CA PRO A 278 18.42 5.09 16.97
C PRO A 278 19.81 5.44 17.51
N THR A 279 20.80 4.62 17.20
CA THR A 279 22.15 4.76 17.76
C THR A 279 23.27 4.61 16.71
N GLY A 280 24.39 5.30 16.96
CA GLY A 280 25.61 5.15 16.14
C GLY A 280 25.82 6.21 15.09
N ALA A 281 26.32 5.76 13.93
CA ALA A 281 26.49 6.61 12.74
C ALA A 281 25.23 6.58 11.87
N PHE A 282 24.23 7.36 12.28
CA PHE A 282 22.91 7.42 11.63
C PHE A 282 22.60 8.89 11.29
N LYS A 283 23.11 9.79 12.14
CA LYS A 283 22.71 11.21 12.22
C LYS A 283 21.30 11.37 12.81
N ALA A 284 20.43 10.41 12.47
CA ALA A 284 18.97 10.44 12.72
C ALA A 284 18.23 11.13 11.57
N ASP A 285 18.96 11.47 10.51
CA ASP A 285 18.43 12.26 9.41
C ASP A 285 18.49 11.59 8.02
N ARG A 286 18.68 10.28 7.98
CA ARG A 286 18.94 9.63 6.69
C ARG A 286 17.70 9.56 5.78
N TYR A 287 16.53 9.85 6.34
CA TYR A 287 15.29 9.88 5.56
C TYR A 287 14.58 11.24 5.57
N LYS A 288 15.34 12.33 5.64
CA LYS A 288 14.80 13.68 5.45
C LYS A 288 15.18 14.26 4.07
N SER A 289 14.21 14.29 3.16
CA SER A 289 14.42 14.77 1.80
C SER A 289 14.59 16.26 1.75
N HIS A 290 14.08 16.94 2.79
CA HIS A 290 13.99 18.41 2.84
C HIS A 290 13.42 19.02 1.55
N GLY A 291 12.56 18.27 0.86
CA GLY A 291 11.94 18.72 -0.39
C GLY A 291 12.69 18.34 -1.66
N LYS A 292 13.72 17.49 -1.53
CA LYS A 292 14.50 17.05 -2.67
C LYS A 292 13.86 15.82 -3.36
N GLY A 293 13.52 15.99 -4.63
CA GLY A 293 12.96 14.91 -5.44
C GLY A 293 12.55 15.35 -6.84
N TYR A 294 11.82 14.51 -7.55
CA TYR A 294 11.29 14.91 -8.84
C TYR A 294 9.97 15.60 -8.61
N ASN A 295 10.03 16.87 -8.21
CA ASN A 295 8.87 17.62 -7.82
C ASN A 295 8.15 18.38 -8.92
N TRP A 296 8.65 18.33 -10.16
CA TRP A 296 8.07 19.12 -11.25
C TRP A 296 7.81 18.31 -12.52
N GLY A 297 6.73 18.67 -13.23
CA GLY A 297 6.52 18.16 -14.59
C GLY A 297 6.10 19.16 -15.67
N ASN A 298 6.56 18.92 -16.91
CA ASN A 298 6.10 19.67 -18.07
C ASN A 298 5.15 18.78 -18.86
N TYR A 299 3.86 19.05 -18.81
CA TYR A 299 2.96 18.14 -19.50
C TYR A 299 2.74 18.63 -20.90
N ASN A 300 2.98 17.72 -21.84
CA ASN A 300 2.71 17.99 -23.23
C ASN A 300 1.37 17.39 -23.55
N THR A 301 0.41 18.26 -23.86
CA THR A 301 -0.97 17.86 -24.12
C THR A 301 -1.09 17.25 -25.50
N GLU A 302 -0.10 17.51 -26.35
CA GLU A 302 -0.14 17.06 -27.76
C GLU A 302 0.48 15.69 -27.96
N THR A 303 1.64 15.46 -27.35
CA THR A 303 2.32 14.15 -27.44
C THR A 303 1.82 13.20 -26.36
N GLN A 304 1.00 13.71 -25.45
CA GLN A 304 0.65 13.02 -24.19
C GLN A 304 1.87 12.49 -23.44
N LYS A 305 2.84 13.38 -23.23
CA LYS A 305 4.06 13.03 -22.53
C LYS A 305 4.23 13.93 -21.34
N CYS A 306 4.57 13.29 -20.22
CA CYS A 306 4.79 13.94 -18.96
C CYS A 306 6.31 14.00 -18.72
N GLU A 307 6.89 15.16 -18.93
CA GLU A 307 8.34 15.34 -18.85
C GLU A 307 8.74 15.81 -17.44
N ILE A 308 9.30 14.88 -16.67
CA ILE A 308 9.47 15.00 -15.22
C ILE A 308 10.97 15.21 -14.88
N PHE A 309 11.23 16.03 -13.86
CA PHE A 309 12.60 16.46 -13.57
C PHE A 309 12.84 16.89 -12.12
N ASN A 310 14.10 16.81 -11.68
CA ASN A 310 14.43 16.98 -10.27
C ASN A 310 15.28 18.20 -9.96
N VAL A 311 15.41 19.13 -10.91
CA VAL A 311 16.06 20.45 -10.67
C VAL A 311 15.01 21.56 -10.63
N LYS A 312 15.19 22.54 -9.77
CA LYS A 312 14.19 23.61 -9.72
C LYS A 312 14.29 24.45 -10.97
N PRO A 313 13.15 24.76 -11.60
CA PRO A 313 13.10 25.62 -12.78
C PRO A 313 13.28 27.09 -12.41
N THR A 314 13.91 27.87 -13.28
CA THR A 314 14.22 29.26 -13.00
C THR A 314 13.67 30.26 -14.06
N CYS A 315 12.71 29.79 -14.86
CA CYS A 315 11.95 30.64 -15.78
C CYS A 315 10.81 29.83 -16.41
N LEU A 316 10.03 30.47 -17.28
CA LEU A 316 8.98 29.77 -18.03
C LEU A 316 9.12 30.04 -19.52
N ILE A 317 8.89 29.01 -20.32
CA ILE A 317 8.79 29.10 -21.76
C ILE A 317 7.30 29.11 -22.17
N ASN A 318 6.97 29.99 -23.09
CA ASN A 318 5.64 30.11 -23.65
C ASN A 318 5.54 29.12 -24.79
N ASN A 319 4.67 28.12 -24.60
CA ASN A 319 4.49 27.03 -25.53
C ASN A 319 3.11 26.43 -25.31
N SER A 320 2.30 26.46 -26.37
CA SER A 320 0.87 26.19 -26.27
C SER A 320 0.52 24.73 -26.06
N SER A 321 1.49 23.84 -26.25
CA SER A 321 1.31 22.41 -26.05
C SER A 321 1.62 21.95 -24.62
N TYR A 322 1.84 22.89 -23.71
CA TYR A 322 2.34 22.55 -22.39
C TYR A 322 1.55 23.11 -21.22
N ILE A 323 1.54 22.32 -20.15
CA ILE A 323 1.03 22.75 -18.87
C ILE A 323 2.17 22.45 -17.88
N ALA A 324 2.52 23.43 -17.05
CA ALA A 324 3.54 23.25 -16.04
C ALA A 324 2.87 22.81 -14.74
N THR A 325 3.36 21.71 -14.18
CA THR A 325 2.74 21.10 -13.02
C THR A 325 3.79 20.75 -11.97
N THR A 326 3.38 20.70 -10.70
CA THR A 326 4.30 20.35 -9.61
C THR A 326 3.65 19.27 -8.76
N ALA A 327 4.42 18.60 -7.93
CA ALA A 327 3.80 17.57 -7.08
C ALA A 327 2.83 18.15 -6.02
N LEU A 328 3.04 19.42 -5.63
CA LEU A 328 2.15 20.14 -4.71
C LEU A 328 0.88 20.62 -5.40
N SER A 329 0.94 20.76 -6.71
CA SER A 329 -0.14 21.42 -7.45
C SER A 329 -1.43 20.64 -7.41
N HIS A 330 -2.53 21.33 -7.67
CA HIS A 330 -3.80 20.65 -7.83
C HIS A 330 -3.73 19.68 -9.02
N PRO A 331 -4.29 18.48 -8.86
CA PRO A 331 -4.22 17.49 -9.94
C PRO A 331 -4.85 17.94 -11.26
N ILE A 332 -5.87 18.80 -11.18
CA ILE A 332 -6.69 19.12 -12.33
C ILE A 332 -6.69 20.59 -12.73
N GLU A 333 -6.75 21.48 -11.75
CA GLU A 333 -6.95 22.91 -11.97
C GLU A 333 -5.85 23.64 -12.76
N VAL A 334 -6.29 24.34 -13.81
CA VAL A 334 -5.41 25.06 -14.70
C VAL A 334 -5.74 26.56 -14.64
N GLU A 335 -4.71 27.41 -14.77
CA GLU A 335 -4.86 28.86 -14.98
C GLU A 335 -4.06 29.38 -16.19
N ASN B 1 23.23 14.10 4.30
CA ASN B 1 23.21 12.70 4.81
C ASN B 1 21.99 11.90 4.40
N TYR B 2 21.04 12.56 3.74
CA TYR B 2 19.86 11.90 3.17
C TYR B 2 20.28 10.66 2.39
N MET B 3 19.47 9.61 2.50
CA MET B 3 19.73 8.30 1.88
C MET B 3 18.46 7.75 1.23
N GLY B 4 17.42 8.56 1.15
CA GLY B 4 16.22 8.18 0.43
C GLY B 4 16.45 8.13 -1.07
N ASN B 5 15.43 7.65 -1.79
CA ASN B 5 15.40 7.57 -3.24
C ASN B 5 13.98 7.91 -3.71
N PRO B 6 13.83 9.00 -4.47
CA PRO B 6 12.53 9.40 -5.06
C PRO B 6 11.94 8.40 -6.08
N TRP B 7 12.77 7.48 -6.58
CA TRP B 7 12.31 6.43 -7.49
C TRP B 7 11.70 5.23 -6.78
N THR B 8 11.87 5.14 -5.47
CA THR B 8 11.48 3.93 -4.75
C THR B 8 10.06 3.40 -5.08
N GLU B 9 9.06 4.26 -4.98
CA GLU B 9 7.68 3.88 -5.30
C GLU B 9 7.51 3.44 -6.76
N TYR B 10 8.03 4.24 -7.69
CA TYR B 10 7.92 3.93 -9.12
C TYR B 10 8.57 2.60 -9.47
N MET B 11 9.69 2.30 -8.83
CA MET B 11 10.51 1.14 -9.21
C MET B 11 10.12 -0.12 -8.46
N ALA B 12 9.18 0.01 -7.52
CA ALA B 12 8.69 -1.13 -6.76
C ALA B 12 8.28 -2.28 -7.67
N LYS B 13 7.62 -1.97 -8.79
CA LYS B 13 7.21 -3.03 -9.72
C LYS B 13 8.38 -3.77 -10.41
N TYR B 14 9.58 -3.20 -10.37
CA TYR B 14 10.74 -3.91 -10.94
C TYR B 14 11.55 -4.62 -9.87
N ASP B 15 11.07 -4.59 -8.63
CA ASP B 15 11.61 -5.43 -7.55
C ASP B 15 10.98 -6.81 -7.58
N ILE B 16 11.28 -7.53 -8.66
CA ILE B 16 10.67 -8.83 -8.99
C ILE B 16 10.77 -9.88 -7.87
N GLU B 17 11.91 -9.96 -7.20
CA GLU B 17 12.03 -10.83 -6.00
C GLU B 17 10.96 -10.58 -4.94
N GLU B 18 10.59 -9.32 -4.75
CA GLU B 18 9.57 -8.92 -3.77
C GLU B 18 8.11 -8.95 -4.27
N VAL B 19 7.83 -8.40 -5.45
CA VAL B 19 6.47 -8.43 -5.99
C VAL B 19 6.10 -9.78 -6.55
N HIS B 20 7.03 -10.41 -7.26
CA HIS B 20 6.72 -11.66 -7.93
C HIS B 20 6.98 -12.87 -7.06
N GLY B 21 8.13 -12.87 -6.39
CA GLY B 21 8.42 -13.81 -5.32
C GLY B 21 8.75 -15.23 -5.73
N SER B 22 8.66 -15.54 -7.02
CA SER B 22 8.89 -16.91 -7.47
C SER B 22 9.60 -16.95 -8.83
N GLY B 23 9.99 -18.15 -9.26
CA GLY B 23 10.54 -18.36 -10.58
C GLY B 23 9.70 -17.70 -11.66
N ILE B 24 10.32 -17.44 -12.81
CA ILE B 24 9.59 -16.87 -13.95
C ILE B 24 9.59 -17.83 -15.14
N ARG B 25 10.77 -18.16 -15.65
CA ARG B 25 10.90 -19.16 -16.69
C ARG B 25 10.24 -20.45 -16.19
N VAL B 26 10.61 -20.85 -14.97
CA VAL B 26 9.98 -21.99 -14.32
C VAL B 26 9.58 -21.57 -12.92
N ASP B 27 8.26 -21.57 -12.70
CA ASP B 27 7.68 -21.17 -11.44
C ASP B 27 7.23 -22.39 -10.71
N LEU B 28 7.97 -22.82 -9.71
CA LEU B 28 7.46 -23.83 -8.80
C LEU B 28 7.77 -23.42 -7.34
N GLY B 29 7.31 -22.23 -6.97
CA GLY B 29 7.68 -21.59 -5.69
C GLY B 29 7.08 -22.16 -4.42
N GLU B 30 5.92 -22.78 -4.51
CA GLU B 30 5.26 -23.38 -3.34
C GLU B 30 5.16 -24.89 -3.41
N ASP B 31 5.00 -25.52 -2.25
CA ASP B 31 4.56 -26.90 -2.15
C ASP B 31 3.19 -26.94 -1.48
N ALA B 32 2.43 -27.99 -1.74
CA ALA B 32 1.11 -28.12 -1.17
C ALA B 32 0.77 -29.58 -1.01
N GLU B 33 0.14 -29.92 0.11
CA GLU B 33 -0.29 -31.29 0.37
C GLU B 33 -1.54 -31.57 -0.46
N VAL B 34 -1.58 -32.73 -1.09
CA VAL B 34 -2.79 -33.26 -1.71
C VAL B 34 -2.93 -34.68 -1.25
N ALA B 35 -4.05 -34.99 -0.60
CA ALA B 35 -4.33 -36.36 -0.19
C ALA B 35 -3.11 -37.07 0.43
N GLY B 36 -2.32 -36.30 1.18
CA GLY B 36 -1.22 -36.88 1.97
C GLY B 36 0.18 -36.60 1.43
N THR B 37 0.26 -36.21 0.16
CA THR B 37 1.54 -36.09 -0.54
C THR B 37 1.80 -34.66 -0.98
N GLN B 38 3.03 -34.22 -0.77
CA GLN B 38 3.46 -32.88 -1.08
C GLN B 38 3.88 -32.78 -2.56
N TYR B 39 3.31 -31.81 -3.27
CA TYR B 39 3.60 -31.57 -4.69
C TYR B 39 4.01 -30.12 -4.92
N ARG B 40 4.82 -29.87 -5.94
CA ARG B 40 5.26 -28.50 -6.26
C ARG B 40 4.21 -27.85 -7.14
N LEU B 41 4.12 -26.52 -7.11
CA LEU B 41 3.17 -25.77 -7.94
C LEU B 41 3.57 -24.31 -8.19
N PRO B 42 3.13 -23.74 -9.32
CA PRO B 42 3.31 -22.31 -9.56
C PRO B 42 2.75 -21.46 -8.40
N SER B 43 3.38 -20.31 -8.14
CA SER B 43 3.03 -19.44 -7.02
C SER B 43 3.39 -17.98 -7.27
N GLY B 44 3.79 -17.61 -8.48
CA GLY B 44 4.20 -16.24 -8.74
C GLY B 44 3.06 -15.28 -8.56
N LYS B 45 3.33 -14.09 -8.05
CA LYS B 45 2.26 -13.10 -7.83
C LYS B 45 1.97 -12.20 -9.04
N CYS B 46 2.84 -12.25 -10.04
CA CYS B 46 2.68 -11.44 -11.24
C CYS B 46 2.35 -12.37 -12.42
N PRO B 47 1.60 -11.84 -13.39
CA PRO B 47 1.32 -12.58 -14.61
C PRO B 47 2.55 -12.65 -15.49
N VAL B 48 2.81 -13.79 -16.13
CA VAL B 48 3.95 -13.87 -17.04
C VAL B 48 3.47 -13.72 -18.49
N PHE B 49 3.69 -12.54 -19.05
CA PHE B 49 3.14 -12.22 -20.36
C PHE B 49 3.91 -12.89 -21.51
N GLY B 50 3.18 -13.53 -22.40
CA GLY B 50 3.77 -14.16 -23.57
C GLY B 50 4.38 -15.53 -23.35
N LYS B 51 4.25 -16.06 -22.13
CA LYS B 51 4.81 -17.38 -21.84
C LYS B 51 3.84 -18.50 -22.17
N GLY B 52 4.39 -19.57 -22.73
CA GLY B 52 3.70 -20.84 -22.94
C GLY B 52 4.69 -21.98 -22.87
N ILE B 53 4.24 -23.17 -23.24
CA ILE B 53 5.06 -24.37 -23.19
C ILE B 53 5.14 -24.98 -24.58
N ILE B 54 6.36 -25.24 -25.03
CA ILE B 54 6.61 -25.91 -26.30
C ILE B 54 6.72 -27.38 -26.00
N ILE B 55 5.94 -28.18 -26.71
CA ILE B 55 6.03 -29.61 -26.59
C ILE B 55 6.95 -30.11 -27.69
N GLU B 56 8.06 -30.74 -27.30
CA GLU B 56 9.04 -31.30 -28.26
C GLU B 56 8.49 -32.57 -28.91
N ASN B 57 8.70 -32.72 -30.21
CA ASN B 57 8.14 -33.83 -31.01
C ASN B 57 6.65 -34.11 -30.72
N SER B 58 5.81 -33.14 -31.07
CA SER B 58 4.38 -33.32 -31.18
C SER B 58 3.91 -32.21 -32.11
N ASN B 59 2.79 -32.44 -32.79
CA ASN B 59 2.13 -31.38 -33.54
C ASN B 59 1.07 -30.66 -32.67
N THR B 60 0.63 -31.32 -31.61
CA THR B 60 -0.38 -30.76 -30.71
C THR B 60 0.18 -29.67 -29.79
N THR B 61 -0.61 -28.61 -29.59
CA THR B 61 -0.16 -27.46 -28.80
C THR B 61 -0.53 -27.66 -27.32
N PHE B 62 -0.04 -26.80 -26.43
CA PHE B 62 -0.12 -27.13 -25.01
C PHE B 62 -1.47 -26.85 -24.34
N LEU B 63 -2.28 -26.00 -24.97
CA LEU B 63 -3.62 -25.67 -24.45
C LEU B 63 -4.69 -26.67 -24.93
N THR B 64 -4.27 -27.64 -25.74
CA THR B 64 -5.08 -28.80 -26.06
C THR B 64 -5.27 -29.63 -24.79
N PRO B 65 -6.51 -30.06 -24.49
CA PRO B 65 -6.76 -30.97 -23.38
C PRO B 65 -5.81 -32.17 -23.33
N VAL B 66 -5.50 -32.65 -22.12
CA VAL B 66 -4.66 -33.84 -21.90
C VAL B 66 -5.22 -35.13 -22.48
N ALA B 67 -4.30 -36.04 -22.83
CA ALA B 67 -4.51 -37.38 -23.44
C ALA B 67 -5.92 -37.96 -23.71
N THR B 68 -6.00 -38.68 -24.84
CA THR B 68 -7.23 -39.27 -25.47
C THR B 68 -8.47 -39.62 -24.64
N GLY B 69 -9.63 -39.55 -25.29
CA GLY B 69 -10.93 -39.89 -24.67
C GLY B 69 -12.15 -39.28 -25.36
N ASN B 70 -12.31 -37.95 -25.21
CA ASN B 70 -13.45 -37.19 -25.75
C ASN B 70 -13.14 -35.71 -26.03
N GLN B 71 -12.30 -35.44 -27.06
CA GLN B 71 -11.98 -34.05 -27.47
C GLN B 71 -11.11 -33.83 -28.73
N TYR B 72 -9.80 -33.64 -28.53
CA TYR B 72 -8.96 -32.86 -29.45
C TYR B 72 -7.80 -33.59 -30.18
N LEU B 73 -8.17 -34.59 -31.01
CA LEU B 73 -7.28 -35.22 -32.03
C LEU B 73 -6.18 -36.21 -31.57
N LYS B 74 -4.93 -35.75 -31.49
CA LYS B 74 -3.76 -36.58 -31.15
C LYS B 74 -3.01 -36.10 -29.88
N ASP B 75 -2.44 -37.06 -29.14
CA ASP B 75 -1.47 -36.87 -28.01
C ASP B 75 -1.79 -35.89 -26.86
N GLY B 76 -2.71 -34.96 -27.09
CA GLY B 76 -3.15 -34.02 -26.06
C GLY B 76 -2.04 -33.16 -25.48
N GLY B 77 -2.44 -32.12 -24.76
CA GLY B 77 -1.50 -31.15 -24.21
C GLY B 77 -1.52 -31.18 -22.70
N PHE B 78 -1.72 -29.99 -22.12
CA PHE B 78 -1.51 -29.74 -20.69
C PHE B 78 -2.78 -29.28 -19.99
N ALA B 79 -3.80 -29.01 -20.80
CA ALA B 79 -5.04 -28.41 -20.32
C ALA B 79 -5.98 -29.46 -19.78
N PHE B 80 -6.86 -29.03 -18.88
CA PHE B 80 -7.99 -29.89 -18.46
C PHE B 80 -8.80 -30.43 -19.63
N PRO B 81 -9.23 -31.70 -19.54
CA PRO B 81 -10.08 -32.32 -20.55
C PRO B 81 -11.51 -31.87 -20.33
N PRO B 82 -12.38 -31.99 -21.37
CA PRO B 82 -13.78 -31.58 -21.28
C PRO B 82 -14.49 -32.15 -20.08
N THR B 83 -15.33 -31.29 -19.45
CA THR B 83 -16.18 -31.76 -18.38
C THR B 83 -17.68 -31.56 -18.72
N GLU B 84 -18.56 -32.06 -17.79
CA GLU B 84 -19.97 -31.66 -17.91
C GLU B 84 -20.62 -31.37 -16.52
N PRO B 85 -20.97 -30.05 -16.27
CA PRO B 85 -20.82 -28.89 -17.11
C PRO B 85 -19.34 -28.61 -17.36
N LEU B 86 -19.07 -27.89 -18.44
CA LEU B 86 -17.71 -27.60 -18.94
C LEU B 86 -17.15 -26.30 -18.34
N MET B 87 -15.90 -26.35 -17.77
CA MET B 87 -15.27 -25.23 -17.03
C MET B 87 -13.94 -24.76 -17.58
N SER B 88 -13.44 -25.49 -18.58
CA SER B 88 -12.19 -25.14 -19.25
C SER B 88 -12.15 -25.76 -20.65
N PRO B 89 -11.81 -24.94 -21.66
CA PRO B 89 -11.64 -23.50 -21.58
C PRO B 89 -12.96 -22.78 -21.26
N MET B 90 -12.87 -21.55 -20.79
CA MET B 90 -14.04 -20.71 -20.57
C MET B 90 -13.73 -19.29 -20.99
N THR B 91 -14.65 -18.64 -21.72
CA THR B 91 -14.42 -17.28 -22.19
C THR B 91 -14.63 -16.26 -21.07
N LEU B 92 -14.14 -15.04 -21.27
CA LEU B 92 -14.35 -13.96 -20.32
C LEU B 92 -15.81 -13.67 -20.00
N ASP B 93 -16.66 -13.54 -21.02
CA ASP B 93 -18.08 -13.24 -20.80
C ASP B 93 -18.81 -14.42 -20.17
N GLU B 94 -18.30 -15.61 -20.44
CA GLU B 94 -18.77 -16.81 -19.77
C GLU B 94 -18.42 -16.78 -18.27
N MET B 95 -17.17 -16.44 -17.96
CA MET B 95 -16.71 -16.35 -16.56
C MET B 95 -17.49 -15.31 -15.74
N ARG B 96 -17.61 -14.10 -16.27
CA ARG B 96 -18.41 -13.04 -15.66
C ARG B 96 -19.87 -13.42 -15.42
N HIS B 97 -20.41 -14.31 -16.26
CA HIS B 97 -21.78 -14.75 -16.14
C HIS B 97 -21.92 -15.83 -15.06
N PHE B 98 -20.94 -16.75 -15.03
CA PHE B 98 -20.91 -17.82 -14.02
C PHE B 98 -20.84 -17.23 -12.59
N TYR B 99 -19.93 -16.26 -12.41
CA TYR B 99 -19.70 -15.54 -11.14
C TYR B 99 -20.52 -14.26 -10.98
N LYS B 100 -21.61 -14.14 -11.73
CA LYS B 100 -22.41 -12.91 -11.73
C LYS B 100 -22.94 -12.53 -10.36
N ASP B 101 -23.26 -13.53 -9.54
CA ASP B 101 -23.75 -13.28 -8.19
C ASP B 101 -22.64 -13.02 -7.17
N ASN B 102 -21.44 -12.69 -7.65
CA ASN B 102 -20.29 -12.39 -6.80
C ASN B 102 -19.62 -11.06 -7.19
N LYS B 103 -20.00 -10.00 -6.49
CA LYS B 103 -19.56 -8.61 -6.78
C LYS B 103 -18.04 -8.43 -6.90
N TYR B 104 -17.28 -9.15 -6.08
CA TYR B 104 -15.84 -9.04 -6.16
C TYR B 104 -15.31 -9.73 -7.42
N VAL B 105 -15.74 -10.96 -7.64
CA VAL B 105 -15.17 -11.77 -8.69
C VAL B 105 -15.64 -11.32 -10.09
N LYS B 106 -16.87 -10.80 -10.18
CA LYS B 106 -17.45 -10.43 -11.47
C LYS B 106 -16.85 -9.16 -12.08
N ASN B 107 -16.17 -8.38 -11.25
CA ASN B 107 -15.59 -7.09 -11.67
C ASN B 107 -14.07 -7.15 -11.85
N LEU B 108 -13.47 -8.30 -11.55
CA LEU B 108 -12.00 -8.45 -11.65
C LEU B 108 -11.51 -8.27 -13.08
N ASP B 109 -10.25 -7.89 -13.21
CA ASP B 109 -9.66 -7.88 -14.52
C ASP B 109 -9.68 -9.34 -15.02
N GLU B 110 -9.65 -9.52 -16.35
CA GLU B 110 -9.66 -10.83 -17.01
C GLU B 110 -8.57 -11.79 -16.52
N LEU B 111 -7.39 -11.26 -16.20
CA LEU B 111 -6.26 -12.09 -15.79
C LEU B 111 -6.43 -12.63 -14.36
N THR B 112 -6.91 -11.79 -13.46
CA THR B 112 -7.14 -12.21 -12.09
C THR B 112 -8.36 -13.13 -12.05
N LEU B 113 -9.35 -12.85 -12.88
CA LEU B 113 -10.53 -13.68 -12.99
C LEU B 113 -10.12 -15.09 -13.39
N CYS B 114 -9.26 -15.20 -14.38
CA CYS B 114 -8.84 -16.51 -14.89
C CYS B 114 -8.12 -17.36 -13.84
N SER B 115 -7.16 -16.74 -13.14
CA SER B 115 -6.46 -17.37 -12.02
C SER B 115 -7.41 -17.81 -10.85
N ARG B 116 -8.31 -16.92 -10.42
CA ARG B 116 -9.32 -17.30 -9.42
C ARG B 116 -10.22 -18.39 -9.95
N HIS B 117 -10.70 -18.24 -11.17
CA HIS B 117 -11.50 -19.33 -11.72
C HIS B 117 -10.67 -20.62 -11.68
N ALA B 118 -9.46 -20.60 -12.24
CA ALA B 118 -8.58 -21.79 -12.21
C ALA B 118 -8.40 -22.36 -10.79
N GLY B 119 -8.36 -21.46 -9.81
CA GLY B 119 -8.19 -21.86 -8.43
C GLY B 119 -9.34 -22.65 -7.87
N ASN B 120 -10.46 -22.66 -8.57
CA ASN B 120 -11.63 -23.43 -8.13
C ASN B 120 -11.64 -24.90 -8.57
N MET B 121 -10.62 -25.36 -9.31
CA MET B 121 -10.50 -26.78 -9.61
C MET B 121 -10.01 -27.50 -8.40
N ILE B 122 -10.75 -28.52 -7.97
CA ILE B 122 -10.33 -29.32 -6.83
C ILE B 122 -9.34 -30.39 -7.31
N PRO B 123 -8.19 -30.49 -6.64
CA PRO B 123 -7.24 -31.56 -6.97
C PRO B 123 -7.63 -32.92 -6.34
N ASP B 124 -7.84 -33.93 -7.19
CA ASP B 124 -7.93 -35.32 -6.75
C ASP B 124 -8.95 -35.48 -5.60
N ASN B 125 -10.06 -34.75 -5.71
CA ASN B 125 -11.13 -34.73 -4.71
C ASN B 125 -10.71 -34.35 -3.27
N ASP B 126 -9.50 -33.82 -3.09
CA ASP B 126 -9.08 -33.30 -1.79
C ASP B 126 -9.69 -31.92 -1.58
N LYS B 127 -10.71 -31.87 -0.73
CA LYS B 127 -11.48 -30.66 -0.52
C LYS B 127 -10.76 -29.57 0.25
N ASN B 128 -9.94 -29.93 1.25
CA ASN B 128 -9.19 -28.88 1.95
C ASN B 128 -7.67 -28.90 1.67
N SER B 129 -7.35 -28.56 0.43
CA SER B 129 -6.00 -28.60 -0.10
C SER B 129 -5.63 -27.22 -0.65
N ASN B 130 -4.45 -26.74 -0.26
CA ASN B 130 -3.94 -25.45 -0.76
C ASN B 130 -3.53 -25.54 -2.23
N TYR B 131 -3.50 -26.76 -2.75
CA TYR B 131 -3.06 -26.97 -4.12
C TYR B 131 -4.08 -26.46 -5.12
N LYS B 132 -3.67 -25.46 -5.89
CA LYS B 132 -4.48 -24.91 -6.97
C LYS B 132 -3.72 -24.94 -8.27
N TYR B 133 -4.43 -25.28 -9.35
CA TYR B 133 -3.85 -25.38 -10.69
C TYR B 133 -3.60 -24.01 -11.30
N PRO B 134 -2.57 -23.89 -12.17
CA PRO B 134 -2.34 -22.63 -12.82
C PRO B 134 -3.18 -22.56 -14.06
N ALA B 135 -3.04 -21.49 -14.83
CA ALA B 135 -3.86 -21.27 -16.02
C ALA B 135 -3.16 -20.43 -17.07
N VAL B 136 -3.68 -20.47 -18.29
CA VAL B 136 -3.22 -19.60 -19.37
C VAL B 136 -4.42 -18.86 -20.01
N TYR B 137 -4.31 -17.53 -20.04
CA TYR B 137 -5.32 -16.69 -20.66
C TYR B 137 -4.86 -16.26 -22.04
N ASP B 138 -5.76 -16.38 -23.01
CA ASP B 138 -5.51 -15.98 -24.40
C ASP B 138 -6.29 -14.73 -24.76
N ASP B 139 -5.57 -13.61 -24.84
CA ASP B 139 -6.14 -12.31 -25.13
C ASP B 139 -6.78 -12.20 -26.53
N LYS B 140 -6.56 -13.18 -27.41
CA LYS B 140 -7.27 -13.23 -28.69
C LYS B 140 -8.67 -13.85 -28.54
N ASP B 141 -8.71 -15.06 -28.00
CA ASP B 141 -9.96 -15.78 -27.71
C ASP B 141 -10.79 -15.07 -26.68
N LYS B 142 -10.13 -14.27 -25.85
CA LYS B 142 -10.65 -13.87 -24.54
C LYS B 142 -11.00 -15.13 -23.73
N LYS B 143 -10.20 -16.20 -23.87
CA LYS B 143 -10.44 -17.50 -23.21
C LYS B 143 -9.41 -17.83 -22.15
N CYS B 144 -9.89 -18.49 -21.10
CA CYS B 144 -9.08 -18.93 -19.98
C CYS B 144 -8.98 -20.45 -20.06
N HIS B 145 -7.75 -20.96 -20.07
CA HIS B 145 -7.54 -22.41 -20.07
C HIS B 145 -6.89 -22.82 -18.76
N ILE B 146 -7.48 -23.80 -18.08
CA ILE B 146 -6.92 -24.32 -16.84
C ILE B 146 -5.93 -25.41 -17.20
N LEU B 147 -4.76 -25.40 -16.55
CA LEU B 147 -3.74 -26.42 -16.79
C LEU B 147 -3.82 -27.55 -15.79
N TYR B 148 -3.94 -28.77 -16.29
CA TYR B 148 -3.93 -29.95 -15.44
C TYR B 148 -2.49 -30.29 -15.13
N ILE B 149 -1.59 -29.98 -16.07
CA ILE B 149 -0.18 -30.23 -15.83
C ILE B 149 0.52 -28.95 -15.42
N ALA B 150 1.13 -28.99 -14.25
CA ALA B 150 1.71 -27.80 -13.66
C ALA B 150 3.21 -27.78 -13.85
N ALA B 151 3.76 -28.89 -14.33
CA ALA B 151 5.17 -28.97 -14.77
C ALA B 151 5.44 -28.03 -15.95
N GLN B 152 6.66 -27.50 -16.04
CA GLN B 152 6.98 -26.55 -17.11
C GLN B 152 8.15 -26.93 -18.03
N GLU B 153 9.02 -27.81 -17.56
CA GLU B 153 10.10 -28.30 -18.37
C GLU B 153 10.41 -29.74 -18.01
N ASN B 154 10.61 -30.53 -19.06
CA ASN B 154 11.21 -31.81 -18.97
C ASN B 154 11.88 -32.03 -20.32
N ASN B 155 13.21 -32.00 -20.31
CA ASN B 155 13.99 -32.42 -21.47
C ASN B 155 15.49 -32.42 -21.29
N GLY B 156 16.00 -33.48 -20.70
CA GLY B 156 17.43 -33.77 -20.72
C GLY B 156 17.72 -34.30 -22.10
N PRO B 157 18.74 -33.73 -22.78
CA PRO B 157 19.05 -34.17 -24.13
C PRO B 157 19.68 -35.56 -24.18
N ARG B 158 19.17 -36.48 -23.37
CA ARG B 158 19.58 -37.89 -23.43
C ARG B 158 18.43 -38.78 -23.87
N TYR B 159 17.24 -38.19 -23.97
CA TYR B 159 16.05 -38.93 -24.42
C TYR B 159 14.96 -37.99 -24.95
N CYS B 160 15.31 -36.72 -25.07
CA CYS B 160 14.46 -35.70 -25.68
C CYS B 160 15.25 -34.98 -26.78
N ASN B 161 16.43 -35.50 -27.08
CA ASN B 161 17.49 -34.75 -27.77
C ASN B 161 17.22 -34.33 -29.21
N LYS B 162 16.63 -35.24 -29.98
CA LYS B 162 16.17 -34.94 -31.34
C LYS B 162 15.01 -34.00 -31.15
N ASP B 163 13.89 -34.60 -30.76
CA ASP B 163 12.73 -33.93 -30.20
C ASP B 163 12.01 -35.00 -29.38
N GLU B 164 12.30 -36.26 -29.74
CA GLU B 164 11.92 -37.45 -28.96
C GLU B 164 12.67 -38.70 -29.47
N SER B 165 13.56 -38.54 -30.45
CA SER B 165 14.10 -39.69 -31.20
C SER B 165 14.92 -40.71 -30.40
N LYS B 166 15.21 -40.40 -29.13
CA LYS B 166 15.87 -41.36 -28.26
C LYS B 166 14.80 -42.14 -27.47
N ARG B 167 14.34 -43.24 -28.07
CA ARG B 167 13.23 -44.11 -27.57
C ARG B 167 12.08 -43.42 -26.79
N ASN B 168 11.81 -42.17 -27.18
CA ASN B 168 10.68 -41.36 -26.66
C ASN B 168 10.77 -41.03 -25.17
N SER B 169 9.64 -40.90 -24.47
CA SER B 169 9.67 -40.61 -23.03
C SER B 169 8.30 -40.33 -22.38
N MET B 170 8.23 -39.19 -21.68
CA MET B 170 7.07 -38.73 -20.94
C MET B 170 6.84 -37.29 -21.42
N PHE B 171 6.50 -37.16 -22.70
CA PHE B 171 6.73 -35.95 -23.53
C PHE B 171 7.81 -34.97 -23.06
N CYS B 172 8.41 -34.32 -24.04
CA CYS B 172 9.51 -33.42 -23.79
C CYS B 172 9.05 -32.01 -24.08
N PHE B 173 9.35 -31.11 -23.15
CA PHE B 173 8.83 -29.77 -23.23
C PHE B 173 9.67 -28.82 -22.41
N ARG B 174 9.45 -27.53 -22.63
CA ARG B 174 10.21 -26.48 -21.96
C ARG B 174 9.40 -25.22 -22.14
N PRO B 175 9.56 -24.25 -21.23
CA PRO B 175 8.87 -22.97 -21.34
C PRO B 175 9.47 -22.14 -22.45
N ALA B 176 8.66 -21.29 -23.07
CA ALA B 176 9.14 -20.42 -24.14
C ALA B 176 8.25 -19.21 -24.32
N LYS B 177 8.80 -18.16 -24.90
CA LYS B 177 8.00 -17.06 -25.41
C LYS B 177 8.08 -17.13 -26.93
N ASP B 178 7.40 -18.12 -27.47
CA ASP B 178 7.27 -18.28 -28.91
C ASP B 178 6.39 -17.15 -29.43
N ILE B 179 6.58 -16.81 -30.70
CA ILE B 179 5.76 -15.80 -31.35
C ILE B 179 4.25 -16.10 -31.34
N SER B 180 3.89 -17.38 -31.29
CA SER B 180 2.48 -17.77 -31.28
C SER B 180 1.93 -17.70 -29.86
N PHE B 181 2.78 -17.27 -28.93
CA PHE B 181 2.39 -17.20 -27.54
C PHE B 181 2.22 -15.73 -27.10
N GLN B 182 2.41 -14.79 -28.02
CA GLN B 182 2.45 -13.38 -27.63
C GLN B 182 1.19 -12.88 -26.91
N ASN B 183 0.06 -13.47 -27.22
CA ASN B 183 -1.19 -13.06 -26.61
C ASN B 183 -1.50 -13.82 -25.33
N TYR B 184 -0.66 -14.79 -24.98
CA TYR B 184 -0.90 -15.65 -23.82
C TYR B 184 -0.33 -15.01 -22.59
N THR B 185 -0.87 -15.41 -21.43
CA THR B 185 -0.26 -15.10 -20.15
C THR B 185 -0.28 -16.33 -19.26
N TYR B 186 0.88 -16.64 -18.69
CA TYR B 186 0.98 -17.69 -17.68
C TYR B 186 0.61 -17.19 -16.27
N LEU B 187 -0.34 -17.87 -15.64
CA LEU B 187 -0.94 -17.40 -14.39
C LEU B 187 -0.89 -18.45 -13.29
N SER B 188 -0.07 -18.17 -12.28
CA SER B 188 -0.07 -19.00 -11.08
C SER B 188 -1.34 -18.73 -10.27
N LYS B 189 -1.57 -19.51 -9.22
CA LYS B 189 -2.74 -19.31 -8.37
C LYS B 189 -2.67 -17.99 -7.59
N ASN B 190 -1.48 -17.41 -7.51
CA ASN B 190 -1.21 -16.26 -6.63
C ASN B 190 -1.26 -14.89 -7.27
N VAL B 191 -1.64 -14.80 -8.54
CA VAL B 191 -1.68 -13.53 -9.24
C VAL B 191 -2.51 -12.57 -8.41
N VAL B 192 -1.89 -11.47 -8.01
CA VAL B 192 -2.56 -10.53 -7.12
C VAL B 192 -3.56 -9.73 -7.93
N ASP B 193 -4.56 -9.17 -7.28
CA ASP B 193 -5.63 -8.55 -8.04
C ASP B 193 -5.33 -7.11 -8.41
N ASN B 194 -4.16 -6.64 -8.00
CA ASN B 194 -3.66 -5.33 -8.39
C ASN B 194 -2.36 -5.36 -9.20
N TRP B 195 -2.17 -6.44 -9.96
CA TRP B 195 -0.95 -6.62 -10.75
C TRP B 195 -0.70 -5.45 -11.71
N GLU B 196 -1.78 -4.83 -12.16
CA GLU B 196 -1.72 -3.80 -13.21
C GLU B 196 -1.07 -2.55 -12.67
N LYS B 197 -0.82 -2.55 -11.36
CA LYS B 197 -0.19 -1.43 -10.69
C LYS B 197 1.09 -1.85 -9.95
N VAL B 198 1.20 -3.13 -9.64
CA VAL B 198 2.38 -3.65 -8.91
C VAL B 198 3.30 -4.54 -9.75
N CYS B 199 2.86 -4.92 -10.95
CA CYS B 199 3.59 -5.87 -11.78
C CYS B 199 3.99 -5.22 -13.12
N PRO B 200 5.11 -5.66 -13.72
CA PRO B 200 5.48 -5.16 -15.06
C PRO B 200 4.52 -5.65 -16.12
N ARG B 201 4.38 -4.89 -17.20
CA ARG B 201 3.63 -5.31 -18.36
C ARG B 201 4.27 -4.82 -19.64
N LYS B 202 4.13 -3.52 -19.88
CA LYS B 202 4.65 -2.90 -21.11
C LYS B 202 6.11 -2.49 -20.96
N ASN B 203 6.90 -2.71 -22.00
CA ASN B 203 8.29 -2.28 -22.01
C ASN B 203 8.40 -0.78 -22.07
N LEU B 204 9.49 -0.24 -21.54
CA LEU B 204 9.65 1.20 -21.38
C LEU B 204 10.49 1.80 -22.47
N GLN B 205 9.79 2.30 -23.48
CA GLN B 205 10.38 3.07 -24.56
C GLN B 205 11.16 4.24 -23.97
N ASN B 206 12.35 4.48 -24.53
CA ASN B 206 13.14 5.66 -24.23
C ASN B 206 13.73 5.67 -22.82
N ALA B 207 13.79 4.48 -22.22
CA ALA B 207 14.31 4.30 -20.86
C ALA B 207 15.31 3.16 -20.74
N LYS B 208 16.24 3.37 -19.82
CA LYS B 208 17.29 2.44 -19.49
C LYS B 208 17.33 2.27 -17.96
N PHE B 209 17.28 1.03 -17.48
CA PHE B 209 17.43 0.76 -16.06
C PHE B 209 18.79 1.20 -15.56
N GLY B 210 18.83 1.66 -14.32
CA GLY B 210 20.08 2.07 -13.67
C GLY B 210 20.08 1.89 -12.16
N LEU B 211 21.15 2.33 -11.51
CA LEU B 211 21.26 2.33 -10.04
C LEU B 211 21.28 3.73 -9.45
N TRP B 212 20.38 3.96 -8.50
CA TRP B 212 20.33 5.22 -7.80
C TRP B 212 21.53 5.31 -6.86
N VAL B 213 22.56 6.05 -7.28
CA VAL B 213 23.79 6.21 -6.49
C VAL B 213 24.21 7.68 -6.37
N ASP B 214 24.41 8.12 -5.14
CA ASP B 214 24.81 9.49 -4.82
C ASP B 214 23.84 10.53 -5.37
N GLY B 215 22.54 10.28 -5.24
CA GLY B 215 21.52 11.20 -5.74
C GLY B 215 21.45 11.28 -7.25
N ASN B 216 21.93 10.24 -7.90
CA ASN B 216 22.01 10.23 -9.36
C ASN B 216 21.73 8.86 -9.95
N CYS B 217 21.06 8.81 -11.09
CA CYS B 217 20.83 7.51 -11.77
C CYS B 217 21.99 7.14 -12.67
N GLU B 218 22.67 6.06 -12.32
CA GLU B 218 23.91 5.64 -12.99
C GLU B 218 23.71 4.29 -13.66
N ASP B 219 24.55 4.00 -14.65
CA ASP B 219 24.48 2.74 -15.38
C ASP B 219 24.57 1.53 -14.45
N ILE B 220 23.91 0.44 -14.86
CA ILE B 220 23.99 -0.80 -14.10
C ILE B 220 25.44 -1.27 -14.20
N PRO B 221 26.08 -1.50 -13.04
CA PRO B 221 27.49 -1.83 -12.99
C PRO B 221 27.83 -3.03 -13.85
N HIS B 222 27.25 -4.18 -13.52
CA HIS B 222 27.70 -5.39 -14.15
C HIS B 222 26.56 -5.95 -14.98
N VAL B 223 26.70 -5.86 -16.30
CA VAL B 223 25.73 -6.44 -17.23
C VAL B 223 26.41 -7.45 -18.17
N ASN B 224 25.65 -8.42 -18.69
CA ASN B 224 26.14 -9.28 -19.77
C ASN B 224 25.48 -8.82 -21.05
N GLU B 225 26.20 -8.87 -22.15
CA GLU B 225 25.68 -8.27 -23.36
C GLU B 225 25.51 -9.30 -24.45
N PHE B 226 24.30 -9.33 -25.01
CA PHE B 226 23.89 -10.29 -26.02
C PHE B 226 23.33 -9.60 -27.28
N PRO B 227 23.57 -10.19 -28.47
CA PRO B 227 22.96 -9.66 -29.68
C PRO B 227 21.50 -10.10 -29.84
N ALA B 228 20.66 -9.17 -30.27
CA ALA B 228 19.21 -9.33 -30.34
C ALA B 228 18.69 -8.42 -31.47
N ILE B 229 18.23 -9.04 -32.56
CA ILE B 229 17.76 -8.26 -33.73
C ILE B 229 16.67 -7.22 -33.36
N ASP B 230 15.76 -7.63 -32.47
CA ASP B 230 14.72 -6.76 -31.96
C ASP B 230 14.45 -7.05 -30.49
N LEU B 231 13.47 -6.33 -29.94
CA LEU B 231 13.12 -6.36 -28.54
C LEU B 231 12.54 -7.72 -28.19
N PHE B 232 11.69 -8.24 -29.10
CA PHE B 232 11.15 -9.55 -28.92
C PHE B 232 12.29 -10.47 -28.52
N GLU B 233 13.31 -10.55 -29.37
CA GLU B 233 14.51 -11.35 -29.12
C GLU B 233 15.20 -11.05 -27.80
N CYS B 234 15.27 -9.78 -27.43
CA CYS B 234 15.85 -9.40 -26.16
C CYS B 234 14.97 -9.93 -25.01
N ASN B 235 13.66 -9.74 -25.12
CA ASN B 235 12.76 -10.28 -24.12
C ASN B 235 12.92 -11.79 -23.94
N LYS B 236 12.99 -12.51 -25.05
CA LYS B 236 13.25 -13.95 -25.03
C LYS B 236 14.51 -14.26 -24.24
N LEU B 237 15.57 -13.50 -24.46
CA LEU B 237 16.84 -13.76 -23.80
C LEU B 237 16.78 -13.58 -22.31
N VAL B 238 16.12 -12.50 -21.87
CA VAL B 238 15.92 -12.18 -20.46
C VAL B 238 15.09 -13.29 -19.80
N PHE B 239 14.00 -13.66 -20.46
CA PHE B 239 13.13 -14.76 -20.03
C PHE B 239 13.90 -16.06 -19.87
N GLU B 240 14.78 -16.35 -20.82
CA GLU B 240 15.66 -17.54 -20.79
C GLU B 240 16.60 -17.56 -19.59
N LEU B 241 16.99 -16.37 -19.13
CA LEU B 241 18.01 -16.22 -18.10
C LEU B 241 17.41 -15.84 -16.74
N SER B 242 16.09 -15.74 -16.69
CA SER B 242 15.38 -15.25 -15.51
C SER B 242 15.20 -16.32 -14.43
N ALA B 243 14.65 -15.91 -13.30
CA ALA B 243 14.47 -16.81 -12.15
C ALA B 243 13.83 -18.13 -12.57
N SER B 244 14.42 -19.22 -12.12
CA SER B 244 14.00 -20.57 -12.50
C SER B 244 13.93 -21.49 -11.30
N ASP B 245 12.80 -22.19 -11.16
CA ASP B 245 12.58 -23.12 -10.04
C ASP B 245 12.74 -24.60 -10.46
N GLN B 246 13.21 -24.83 -11.69
CA GLN B 246 13.44 -26.18 -12.23
C GLN B 246 14.46 -26.96 -11.40
N PRO B 247 14.15 -28.24 -11.10
CA PRO B 247 15.14 -29.12 -10.47
C PRO B 247 16.36 -29.32 -11.38
N LYS B 248 17.51 -29.62 -10.77
CA LYS B 248 18.76 -29.76 -11.51
C LYS B 248 18.85 -31.05 -12.33
N GLN B 249 18.65 -32.20 -11.67
CA GLN B 249 18.98 -33.49 -12.30
C GLN B 249 18.18 -33.78 -13.58
N TYR B 250 18.75 -34.63 -14.42
CA TYR B 250 18.17 -34.97 -15.73
C TYR B 250 18.56 -36.38 -16.18
N GLU B 251 18.41 -37.35 -15.28
CA GLU B 251 18.75 -38.75 -15.54
C GLU B 251 17.86 -39.37 -16.63
N GLN B 252 18.26 -40.52 -17.19
CA GLN B 252 17.43 -41.21 -18.18
C GLN B 252 16.10 -41.65 -17.57
N HIS B 253 16.05 -42.85 -16.99
CA HIS B 253 14.83 -43.34 -16.34
C HIS B 253 14.41 -42.32 -15.29
N LEU B 254 13.38 -41.54 -15.61
CA LEU B 254 12.84 -40.57 -14.68
C LEU B 254 12.06 -41.32 -13.61
N THR B 255 12.45 -41.10 -12.35
CA THR B 255 11.85 -41.78 -11.20
C THR B 255 10.88 -40.86 -10.47
N ASP B 256 9.89 -41.46 -9.80
CA ASP B 256 8.77 -40.74 -9.16
C ASP B 256 9.13 -39.53 -8.27
N TYR B 257 10.16 -39.69 -7.45
CA TYR B 257 10.74 -38.61 -6.65
C TYR B 257 11.25 -37.45 -7.52
N GLU B 258 11.72 -37.76 -8.72
CA GLU B 258 12.22 -36.74 -9.64
C GLU B 258 11.11 -36.18 -10.54
N LYS B 259 10.00 -36.90 -10.65
CA LYS B 259 8.82 -36.40 -11.37
C LYS B 259 8.08 -35.30 -10.61
N ILE B 260 7.91 -35.51 -9.30
CA ILE B 260 7.35 -34.48 -8.40
C ILE B 260 8.25 -33.25 -8.37
N LYS B 261 9.57 -33.46 -8.41
CA LYS B 261 10.56 -32.37 -8.46
C LYS B 261 10.28 -31.39 -9.62
N GLU B 262 9.87 -31.93 -10.76
CA GLU B 262 9.60 -31.13 -11.98
C GLU B 262 8.19 -30.52 -12.00
N GLY B 263 7.41 -30.76 -10.95
CA GLY B 263 6.07 -30.21 -10.82
C GLY B 263 4.95 -31.11 -11.32
N PHE B 264 5.26 -32.37 -11.64
CA PHE B 264 4.25 -33.36 -12.01
C PHE B 264 3.49 -33.84 -10.77
N LYS B 265 2.26 -34.33 -10.98
CA LYS B 265 1.38 -34.76 -9.88
C LYS B 265 0.70 -36.10 -10.17
N ASN B 266 0.45 -36.36 -11.46
CA ASN B 266 -0.26 -37.55 -11.91
C ASN B 266 0.39 -38.25 -13.13
N LYS B 267 0.21 -39.56 -13.20
CA LYS B 267 0.44 -40.33 -14.43
C LYS B 267 -0.88 -40.42 -15.23
N ASN B 268 -1.87 -39.70 -14.72
CA ASN B 268 -3.21 -39.53 -15.33
C ASN B 268 -4.06 -40.79 -15.26
N ALA B 269 -4.10 -41.38 -14.06
CA ALA B 269 -5.01 -42.46 -13.68
C ALA B 269 -4.98 -42.58 -12.15
N SER B 270 -3.88 -42.13 -11.56
CA SER B 270 -3.74 -42.05 -10.11
C SER B 270 -2.84 -40.86 -9.73
N MET B 271 -2.44 -40.81 -8.46
CA MET B 271 -1.50 -39.82 -7.97
C MET B 271 -0.07 -40.38 -7.93
N ILE B 272 0.92 -39.52 -8.20
CA ILE B 272 2.33 -39.90 -8.07
C ILE B 272 2.72 -39.82 -6.59
N LYS B 273 3.01 -40.98 -6.00
CA LYS B 273 3.32 -41.06 -4.56
C LYS B 273 4.73 -41.61 -4.32
N SER B 274 5.57 -40.82 -3.67
CA SER B 274 6.99 -41.14 -3.45
C SER B 274 7.27 -42.28 -2.45
N ALA B 275 8.51 -42.73 -2.41
CA ALA B 275 8.93 -43.82 -1.52
C ALA B 275 9.20 -43.34 -0.10
N PHE B 276 10.17 -42.45 0.06
CA PHE B 276 10.50 -41.89 1.37
C PHE B 276 10.47 -40.36 1.40
N LEU B 277 9.84 -39.82 2.44
CA LEU B 277 9.86 -38.39 2.83
C LEU B 277 8.45 -37.77 2.96
N PRO B 278 7.69 -38.16 4.02
CA PRO B 278 6.39 -37.49 4.30
C PRO B 278 6.51 -36.06 4.88
N THR B 279 7.67 -35.42 4.70
CA THR B 279 7.97 -34.07 5.22
C THR B 279 7.94 -32.93 4.18
N GLY B 280 8.06 -33.27 2.90
CA GLY B 280 8.05 -32.27 1.82
C GLY B 280 7.89 -32.88 0.44
N ALA B 281 7.84 -32.03 -0.60
CA ALA B 281 7.78 -32.51 -1.98
C ALA B 281 9.08 -33.27 -2.26
N PHE B 282 10.20 -32.60 -2.02
CA PHE B 282 11.52 -33.23 -1.87
C PHE B 282 12.27 -32.47 -0.76
N LYS B 283 13.57 -32.76 -0.57
CA LYS B 283 14.39 -31.99 0.40
C LYS B 283 14.36 -30.48 0.02
N ALA B 284 13.45 -29.77 0.69
CA ALA B 284 12.83 -28.55 0.16
C ALA B 284 13.67 -27.28 0.14
N ASP B 285 13.29 -26.38 -0.77
CA ASP B 285 13.86 -25.02 -0.91
C ASP B 285 15.16 -24.94 -1.74
N ARG B 286 15.65 -26.08 -2.24
CA ARG B 286 16.86 -26.10 -3.09
C ARG B 286 16.61 -25.47 -4.44
N TYR B 287 15.39 -25.61 -4.94
CA TYR B 287 15.02 -25.08 -6.23
C TYR B 287 13.89 -24.06 -6.11
N LYS B 288 13.93 -23.26 -5.05
CA LYS B 288 13.04 -22.11 -4.93
C LYS B 288 13.86 -20.83 -5.09
N SER B 289 13.80 -20.23 -6.28
CA SER B 289 14.57 -19.03 -6.57
C SER B 289 14.07 -17.85 -5.74
N HIS B 290 12.80 -17.93 -5.33
CA HIS B 290 12.05 -16.82 -4.76
C HIS B 290 12.08 -15.57 -5.64
N GLY B 291 12.47 -15.77 -6.91
CA GLY B 291 12.51 -14.69 -7.89
C GLY B 291 13.90 -14.17 -8.25
N LYS B 292 14.95 -14.79 -7.68
CA LYS B 292 16.35 -14.45 -8.00
C LYS B 292 16.76 -14.95 -9.38
N GLY B 293 17.06 -14.02 -10.29
CA GLY B 293 17.67 -14.33 -11.57
C GLY B 293 17.93 -13.10 -12.42
N TYR B 294 18.28 -13.34 -13.67
CA TYR B 294 18.52 -12.28 -14.62
C TYR B 294 17.19 -11.85 -15.16
N ASN B 295 16.51 -11.03 -14.36
CA ASN B 295 15.13 -10.68 -14.60
C ASN B 295 14.87 -9.47 -15.47
N TRP B 296 15.92 -8.72 -15.81
CA TRP B 296 15.76 -7.42 -16.46
C TRP B 296 16.70 -7.25 -17.62
N GLY B 297 16.29 -6.49 -18.63
CA GLY B 297 17.19 -6.14 -19.73
C GLY B 297 17.05 -4.71 -20.24
N ASN B 298 18.19 -4.12 -20.63
CA ASN B 298 18.19 -2.88 -21.34
C ASN B 298 18.42 -3.16 -22.84
N TYR B 299 17.37 -3.03 -23.65
CA TYR B 299 17.55 -3.25 -25.07
C TYR B 299 18.06 -2.00 -25.72
N ASN B 300 19.19 -2.12 -26.42
CA ASN B 300 19.69 -1.02 -27.22
C ASN B 300 19.28 -1.24 -28.66
N THR B 301 18.41 -0.37 -29.15
CA THR B 301 17.80 -0.57 -30.45
C THR B 301 18.70 -0.08 -31.55
N GLU B 302 19.85 0.45 -31.18
CA GLU B 302 20.82 0.97 -32.15
C GLU B 302 21.96 0.00 -32.38
N THR B 303 22.42 -0.62 -31.30
CA THR B 303 23.55 -1.56 -31.38
C THR B 303 22.98 -2.97 -31.53
N GLN B 304 21.67 -3.08 -31.47
CA GLN B 304 21.02 -4.39 -31.42
C GLN B 304 21.62 -5.31 -30.33
N LYS B 305 21.93 -4.71 -29.18
CA LYS B 305 22.45 -5.45 -28.05
C LYS B 305 21.46 -5.43 -26.91
N CYS B 306 21.24 -6.60 -26.33
CA CYS B 306 20.38 -6.78 -25.19
C CYS B 306 21.26 -6.90 -23.94
N GLU B 307 21.27 -5.88 -23.09
CA GLU B 307 22.08 -5.89 -21.86
C GLU B 307 21.29 -6.40 -20.67
N ILE B 308 21.64 -7.59 -20.23
CA ILE B 308 20.90 -8.34 -19.26
C ILE B 308 21.64 -8.34 -17.92
N PHE B 309 20.90 -8.35 -16.81
CA PHE B 309 21.50 -8.21 -15.47
C PHE B 309 20.61 -8.79 -14.36
N ASN B 310 21.20 -9.01 -13.18
CA ASN B 310 20.50 -9.73 -12.12
C ASN B 310 20.40 -9.01 -10.78
N VAL B 311 20.56 -7.68 -10.80
CA VAL B 311 20.33 -6.83 -9.60
C VAL B 311 19.09 -5.99 -9.86
N LYS B 312 18.27 -5.76 -8.85
CA LYS B 312 17.08 -4.94 -9.10
C LYS B 312 17.52 -3.50 -9.42
N PRO B 313 16.96 -2.91 -10.49
CA PRO B 313 17.29 -1.52 -10.81
C PRO B 313 16.46 -0.60 -9.92
N THR B 314 17.02 0.55 -9.57
CA THR B 314 16.39 1.43 -8.60
C THR B 314 16.15 2.85 -9.14
N CYS B 315 16.20 2.98 -10.46
CA CYS B 315 15.90 4.22 -11.16
C CYS B 315 15.92 3.96 -12.66
N LEU B 316 15.58 5.00 -13.43
CA LEU B 316 15.54 4.94 -14.88
C LEU B 316 16.36 6.08 -15.46
N ILE B 317 17.20 5.79 -16.44
CA ILE B 317 17.84 6.81 -17.26
C ILE B 317 17.08 7.06 -18.56
N ASN B 318 16.94 8.32 -18.94
CA ASN B 318 16.40 8.70 -20.26
C ASN B 318 17.48 8.57 -21.35
N ASN B 319 17.27 7.62 -22.27
CA ASN B 319 18.13 7.37 -23.41
C ASN B 319 17.25 6.85 -24.53
N SER B 320 17.18 7.59 -25.63
CA SER B 320 16.21 7.30 -26.71
C SER B 320 16.57 6.07 -27.53
N SER B 321 17.78 5.54 -27.32
CA SER B 321 18.23 4.31 -27.97
C SER B 321 17.84 3.06 -27.18
N TYR B 322 17.18 3.26 -26.04
CA TYR B 322 16.93 2.16 -25.10
C TYR B 322 15.48 1.81 -24.86
N ILE B 323 15.24 0.53 -24.61
CA ILE B 323 13.98 0.03 -24.15
C ILE B 323 14.20 -0.88 -22.92
N ALA B 324 13.52 -0.58 -21.82
CA ALA B 324 13.68 -1.35 -20.59
C ALA B 324 12.63 -2.44 -20.49
N THR B 325 13.10 -3.68 -20.37
CA THR B 325 12.26 -4.85 -20.40
C THR B 325 12.56 -5.78 -19.21
N THR B 326 11.61 -6.66 -18.89
CA THR B 326 11.81 -7.65 -17.83
C THR B 326 11.34 -8.98 -18.35
N ALA B 327 11.73 -10.05 -17.68
CA ALA B 327 11.29 -11.38 -18.06
C ALA B 327 9.76 -11.50 -18.01
N LEU B 328 9.12 -10.68 -17.16
CA LEU B 328 7.64 -10.74 -16.97
C LEU B 328 6.86 -9.97 -18.02
N SER B 329 7.55 -9.03 -18.70
CA SER B 329 6.91 -8.09 -19.60
C SER B 329 6.39 -8.72 -20.87
N HIS B 330 5.35 -8.11 -21.42
CA HIS B 330 4.97 -8.42 -22.78
C HIS B 330 6.23 -8.37 -23.67
N PRO B 331 6.39 -9.37 -24.54
CA PRO B 331 7.52 -9.41 -25.48
C PRO B 331 7.58 -8.27 -26.51
N ILE B 332 6.43 -7.70 -26.87
CA ILE B 332 6.37 -6.74 -27.97
C ILE B 332 5.95 -5.35 -27.52
N GLU B 333 5.00 -5.29 -26.60
CA GLU B 333 4.38 -4.01 -26.22
C GLU B 333 5.31 -3.01 -25.54
N VAL B 334 5.21 -1.76 -26.00
CA VAL B 334 6.02 -0.66 -25.52
C VAL B 334 5.14 0.54 -25.15
N GLU B 335 5.54 1.30 -24.14
CA GLU B 335 4.91 2.58 -23.80
C GLU B 335 5.95 3.70 -23.69
N ALA C 1 -25.22 -18.24 -9.05
CA ALA C 1 -25.49 -18.93 -7.76
C ALA C 1 -24.83 -18.20 -6.58
N TRP C 2 -25.36 -18.40 -5.38
CA TRP C 2 -24.82 -17.80 -4.16
C TRP C 2 -25.31 -18.62 -2.96
N VAL C 3 -24.53 -18.65 -1.89
CA VAL C 3 -24.88 -19.38 -0.69
C VAL C 3 -25.45 -18.41 0.36
N ASP C 4 -26.71 -18.63 0.70
CA ASP C 4 -27.44 -17.84 1.70
C ASP C 4 -27.16 -18.42 3.08
N GLN C 5 -26.43 -17.64 3.89
CA GLN C 5 -26.07 -18.04 5.26
C GLN C 5 -26.85 -17.29 6.37
N THR C 6 -27.43 -18.03 7.30
CA THR C 6 -28.08 -17.48 8.50
C THR C 6 -27.62 -18.24 9.75
N PRO C 7 -27.58 -17.56 10.92
CA PRO C 7 -27.76 -16.12 11.10
C PRO C 7 -26.47 -15.36 10.79
N ARG C 8 -26.56 -14.05 10.56
CA ARG C 8 -25.37 -13.21 10.35
C ARG C 8 -24.59 -12.99 11.65
N THR C 9 -25.30 -12.73 12.75
CA THR C 9 -24.64 -12.58 14.04
C THR C 9 -25.33 -13.47 15.08
N ALA C 10 -24.55 -14.02 16.01
CA ALA C 10 -25.09 -14.70 17.19
C ALA C 10 -24.26 -14.36 18.39
N THR C 11 -24.96 -14.06 19.48
CA THR C 11 -24.36 -13.85 20.80
C THR C 11 -24.97 -14.89 21.72
N LYS C 12 -24.14 -15.84 22.12
CA LYS C 12 -24.60 -16.97 22.93
C LYS C 12 -23.82 -17.05 24.23
N GLU C 13 -24.31 -17.86 25.15
CA GLU C 13 -23.62 -18.14 26.38
C GLU C 13 -23.14 -19.58 26.39
N THR C 14 -22.05 -19.85 27.09
CA THR C 14 -21.47 -21.19 27.22
C THR C 14 -22.52 -22.26 27.57
N GLY C 15 -22.46 -23.38 26.85
CA GLY C 15 -23.41 -24.47 27.03
C GLY C 15 -24.62 -24.46 26.09
N GLU C 16 -24.93 -23.30 25.51
CA GLU C 16 -26.05 -23.21 24.57
C GLU C 16 -25.71 -23.84 23.21
N SER C 17 -26.70 -23.92 22.32
CA SER C 17 -26.50 -24.42 20.96
C SER C 17 -26.60 -23.29 19.96
N LEU C 18 -26.09 -23.54 18.76
CA LEU C 18 -26.14 -22.61 17.65
C LEU C 18 -26.33 -23.43 16.40
N THR C 19 -27.30 -23.04 15.58
CA THR C 19 -27.53 -23.71 14.32
C THR C 19 -27.23 -22.70 13.20
N ILE C 20 -26.24 -23.02 12.37
CA ILE C 20 -25.95 -22.20 11.21
C ILE C 20 -26.58 -22.92 10.03
N ASN C 21 -27.30 -22.16 9.22
CA ASN C 21 -27.99 -22.69 8.06
C ASN C 21 -27.47 -22.11 6.75
N CYS C 22 -27.29 -22.99 5.76
CA CYS C 22 -26.88 -22.57 4.40
C CYS C 22 -27.76 -23.13 3.30
N VAL C 23 -28.12 -22.25 2.38
CA VAL C 23 -28.88 -22.63 1.21
C VAL C 23 -28.20 -22.10 -0.07
N LEU C 24 -27.91 -23.04 -0.99
CA LEU C 24 -27.38 -22.75 -2.30
C LEU C 24 -28.54 -22.28 -3.16
N ARG C 25 -28.53 -21.00 -3.54
CA ARG C 25 -29.65 -20.42 -4.28
C ARG C 25 -29.22 -19.97 -5.66
N ASP C 26 -30.18 -19.94 -6.60
CA ASP C 26 -29.94 -19.51 -7.99
C ASP C 26 -28.84 -20.38 -8.65
N ALA C 27 -28.83 -21.68 -8.35
CA ALA C 27 -27.78 -22.59 -8.85
C ALA C 27 -28.28 -23.58 -9.88
N SER C 28 -27.47 -23.76 -10.94
CA SER C 28 -27.83 -24.65 -12.03
C SER C 28 -27.41 -26.07 -11.73
N PHE C 29 -26.39 -26.23 -10.89
CA PHE C 29 -25.82 -27.53 -10.63
C PHE C 29 -26.36 -28.14 -9.34
N GLU C 30 -26.11 -29.43 -9.16
CA GLU C 30 -26.53 -30.15 -7.97
C GLU C 30 -25.52 -29.86 -6.85
N LEU C 31 -25.93 -30.04 -5.59
CA LEU C 31 -25.00 -29.81 -4.48
C LEU C 31 -24.24 -31.10 -4.21
N LYS C 32 -22.94 -31.08 -4.50
CA LYS C 32 -22.13 -32.30 -4.44
C LYS C 32 -21.54 -32.50 -3.04
N ASP C 33 -20.73 -31.55 -2.59
CA ASP C 33 -20.14 -31.65 -1.26
C ASP C 33 -20.18 -30.29 -0.54
N THR C 34 -19.75 -30.30 0.73
CA THR C 34 -19.77 -29.11 1.56
C THR C 34 -18.46 -28.99 2.32
N GLY C 35 -18.25 -27.83 2.92
CA GLY C 35 -17.09 -27.58 3.76
C GLY C 35 -17.47 -26.46 4.68
N TRP C 36 -16.75 -26.36 5.81
CA TRP C 36 -16.95 -25.29 6.79
C TRP C 36 -15.61 -24.69 7.22
N TYR C 37 -15.62 -23.40 7.51
CA TYR C 37 -14.39 -22.64 7.68
C TYR C 37 -14.64 -21.64 8.79
N ARG C 38 -13.57 -21.23 9.45
CA ARG C 38 -13.71 -20.45 10.65
C ARG C 38 -12.56 -19.47 10.79
N THR C 39 -12.89 -18.21 11.09
CA THR C 39 -11.89 -17.22 11.46
C THR C 39 -12.23 -16.78 12.86
N LYS C 40 -11.52 -17.31 13.86
CA LYS C 40 -11.76 -16.92 15.26
C LYS C 40 -11.27 -15.51 15.59
N LEU C 41 -11.74 -14.97 16.72
CA LEU C 41 -11.61 -13.56 17.07
C LEU C 41 -10.18 -13.05 16.99
N GLY C 42 -9.24 -13.83 17.54
CA GLY C 42 -7.84 -13.44 17.56
C GLY C 42 -7.05 -13.54 16.26
N SER C 43 -7.68 -14.00 15.16
CA SER C 43 -6.94 -14.18 13.90
C SER C 43 -7.55 -13.59 12.62
N THR C 44 -6.74 -13.56 11.57
CA THR C 44 -7.19 -13.20 10.23
C THR C 44 -7.24 -14.47 9.36
N ASN C 45 -6.86 -15.60 9.95
CA ASN C 45 -6.64 -16.81 9.19
C ASN C 45 -7.83 -17.77 9.20
N GLU C 46 -8.59 -17.78 8.11
CA GLU C 46 -9.70 -18.69 7.95
C GLU C 46 -9.19 -20.12 7.79
N GLN C 47 -9.73 -21.03 8.58
CA GLN C 47 -9.26 -22.41 8.49
C GLN C 47 -10.36 -23.48 8.55
N SER C 48 -9.96 -24.69 8.25
CA SER C 48 -10.87 -25.78 8.07
C SER C 48 -11.42 -26.26 9.43
N ILE C 49 -12.72 -26.55 9.46
CA ILE C 49 -13.39 -27.09 10.63
C ILE C 49 -13.50 -28.61 10.52
N SER C 50 -13.02 -29.30 11.57
CA SER C 50 -13.23 -30.76 11.68
C SER C 50 -14.67 -31.05 12.10
N ILE C 51 -15.42 -31.78 11.29
CA ILE C 51 -16.77 -32.20 11.70
C ILE C 51 -16.65 -33.40 12.63
N GLY C 52 -17.36 -33.33 13.75
CA GLY C 52 -17.23 -34.33 14.80
C GLY C 52 -17.42 -33.70 16.17
N GLY C 53 -17.75 -34.53 17.15
CA GLY C 53 -18.02 -34.06 18.50
C GLY C 53 -19.22 -33.15 18.54
N ARG C 54 -19.01 -31.92 18.99
CA ARG C 54 -20.08 -30.95 19.12
C ARG C 54 -20.51 -30.35 17.79
N TYR C 55 -19.66 -30.43 16.76
CA TYR C 55 -20.04 -29.91 15.43
C TYR C 55 -20.68 -31.00 14.58
N VAL C 56 -22.01 -30.98 14.51
CA VAL C 56 -22.80 -31.94 13.71
C VAL C 56 -23.30 -31.26 12.45
N GLU C 57 -22.96 -31.79 11.29
CA GLU C 57 -23.51 -31.27 10.03
C GLU C 57 -24.72 -32.07 9.49
N THR C 58 -25.77 -31.37 9.06
CA THR C 58 -26.82 -31.97 8.23
C THR C 58 -26.69 -31.49 6.78
N VAL C 59 -26.86 -32.41 5.84
CA VAL C 59 -26.73 -32.05 4.45
C VAL C 59 -27.96 -32.62 3.77
N ASN C 60 -28.77 -31.74 3.19
CA ASN C 60 -29.90 -32.17 2.37
C ASN C 60 -29.68 -31.79 0.90
N LYS C 61 -29.36 -32.79 0.07
CA LYS C 61 -29.02 -32.54 -1.32
C LYS C 61 -30.20 -32.17 -2.21
N GLY C 62 -31.35 -32.76 -1.98
CA GLY C 62 -32.54 -32.44 -2.76
C GLY C 62 -33.04 -31.01 -2.61
N SER C 63 -32.76 -30.40 -1.45
CA SER C 63 -33.20 -29.03 -1.20
C SER C 63 -32.03 -28.04 -1.28
N LYS C 64 -30.86 -28.56 -1.69
CA LYS C 64 -29.62 -27.78 -1.83
C LYS C 64 -29.28 -26.99 -0.57
N SER C 65 -29.48 -27.64 0.57
CA SER C 65 -29.31 -26.98 1.85
C SER C 65 -28.46 -27.82 2.75
N PHE C 66 -27.72 -27.15 3.63
CA PHE C 66 -26.87 -27.81 4.62
C PHE C 66 -26.68 -26.95 5.84
N SER C 67 -26.38 -27.58 6.98
CA SER C 67 -26.37 -26.84 8.23
C SER C 67 -25.39 -27.40 9.26
N LEU C 68 -24.81 -26.53 10.09
CA LEU C 68 -23.94 -26.98 11.17
C LEU C 68 -24.57 -26.66 12.53
N ARG C 69 -24.75 -27.67 13.38
CA ARG C 69 -25.18 -27.41 14.75
C ARG C 69 -24.03 -27.67 15.71
N ILE C 70 -23.67 -26.64 16.45
CA ILE C 70 -22.64 -26.72 17.50
C ILE C 70 -23.34 -26.77 18.82
N SER C 71 -23.14 -27.85 19.58
CA SER C 71 -23.75 -27.95 20.92
C SER C 71 -22.74 -27.66 22.01
N ASP C 72 -23.22 -27.41 23.23
CA ASP C 72 -22.35 -27.17 24.40
C ASP C 72 -21.26 -26.16 24.03
N LEU C 73 -21.70 -24.95 23.69
CA LEU C 73 -20.84 -23.89 23.16
C LEU C 73 -19.73 -23.50 24.08
N ARG C 74 -18.55 -23.38 23.51
CA ARG C 74 -17.37 -22.94 24.25
C ARG C 74 -16.96 -21.57 23.74
N VAL C 75 -16.42 -20.75 24.64
CA VAL C 75 -15.90 -19.43 24.25
C VAL C 75 -14.90 -19.57 23.12
N GLU C 76 -14.25 -20.72 23.05
CA GLU C 76 -13.23 -21.01 22.02
C GLU C 76 -13.82 -21.17 20.65
N ASP C 77 -15.14 -21.38 20.58
CA ASP C 77 -15.85 -21.48 19.31
C ASP C 77 -16.03 -20.10 18.69
N SER C 78 -15.61 -19.04 19.39
CA SER C 78 -15.91 -17.68 18.95
C SER C 78 -15.18 -17.36 17.66
N GLY C 79 -15.89 -16.70 16.74
CA GLY C 79 -15.31 -16.29 15.46
C GLY C 79 -16.30 -16.29 14.32
N THR C 80 -15.80 -16.08 13.11
CA THR C 80 -16.66 -16.02 11.94
C THR C 80 -16.61 -17.36 11.19
N TYR C 81 -17.79 -17.94 10.99
CA TYR C 81 -17.96 -19.24 10.34
C TYR C 81 -18.50 -19.07 8.94
N LYS C 82 -17.96 -19.83 7.99
CA LYS C 82 -18.47 -19.77 6.62
C LYS C 82 -18.63 -21.18 6.07
N CYS C 83 -19.77 -21.39 5.42
CA CYS C 83 -20.06 -22.65 4.73
C CYS C 83 -19.65 -22.53 3.27
N GLN C 84 -19.38 -23.65 2.62
CA GLN C 84 -18.99 -23.65 1.22
C GLN C 84 -19.59 -24.80 0.46
N ALA C 85 -20.19 -24.49 -0.69
CA ALA C 85 -20.77 -25.49 -1.54
C ALA C 85 -19.71 -25.99 -2.52
N PHE C 86 -19.86 -27.24 -2.93
CA PHE C 86 -19.03 -27.84 -3.96
C PHE C 86 -19.92 -28.47 -5.04
N TYR C 87 -19.51 -28.34 -6.30
CA TYR C 87 -20.30 -28.94 -7.37
C TYR C 87 -19.55 -30.08 -8.08
N SER C 88 -20.28 -30.87 -8.86
CA SER C 88 -19.71 -32.02 -9.52
C SER C 88 -19.43 -31.75 -10.99
N LEU C 89 -18.41 -32.42 -11.51
CA LEU C 89 -18.10 -32.34 -12.94
C LEU C 89 -17.80 -33.73 -13.47
N LEU C 90 -18.53 -34.13 -14.51
CA LEU C 90 -18.36 -35.44 -15.11
C LEU C 90 -17.39 -35.35 -16.25
N LEU C 91 -16.69 -36.46 -16.51
CA LEU C 91 -15.98 -36.67 -17.78
C LEU C 91 -16.04 -38.17 -18.14
N ARG C 92 -15.98 -38.48 -19.43
CA ARG C 92 -16.35 -39.82 -19.90
C ARG C 92 -15.38 -40.95 -19.51
N ASP C 93 -15.37 -41.27 -18.21
CA ASP C 93 -14.66 -42.43 -17.66
C ASP C 93 -15.44 -43.13 -16.53
N TYR C 94 -15.97 -42.34 -15.58
CA TYR C 94 -16.86 -42.81 -14.48
C TYR C 94 -16.63 -44.29 -14.02
N ASN C 95 -15.79 -44.53 -13.01
CA ASN C 95 -15.13 -43.53 -12.17
C ASN C 95 -14.36 -42.46 -12.91
N TYR C 96 -14.69 -41.22 -12.55
CA TYR C 96 -13.93 -40.02 -12.88
C TYR C 96 -14.89 -38.85 -12.82
N SER C 97 -15.15 -38.42 -11.58
CA SER C 97 -15.92 -37.23 -11.29
C SER C 97 -14.98 -36.20 -10.67
N LEU C 98 -15.21 -34.92 -10.97
CA LEU C 98 -14.37 -33.87 -10.43
C LEU C 98 -15.17 -32.91 -9.56
N LEU C 99 -14.56 -32.45 -8.47
CA LEU C 99 -15.16 -31.41 -7.65
C LEU C 99 -14.76 -30.02 -8.15
N PHE C 100 -15.67 -29.07 -7.94
CA PHE C 100 -15.43 -27.66 -8.18
C PHE C 100 -15.79 -26.86 -6.92
N ARG C 101 -14.93 -25.94 -6.52
CA ARG C 101 -15.19 -25.17 -5.30
C ARG C 101 -16.17 -24.06 -5.61
N GLY C 102 -17.38 -24.16 -5.04
CA GLY C 102 -18.46 -23.23 -5.35
C GLY C 102 -18.57 -21.99 -4.48
N GLU C 103 -19.74 -21.36 -4.51
CA GLU C 103 -19.97 -20.15 -3.72
C GLU C 103 -19.93 -20.49 -2.25
N LYS C 104 -19.77 -19.43 -1.45
CA LYS C 104 -19.54 -19.50 -0.03
C LYS C 104 -20.40 -18.43 0.65
N GLY C 105 -20.92 -18.74 1.83
CA GLY C 105 -21.78 -17.82 2.55
C GLY C 105 -21.05 -16.58 3.03
N ALA C 106 -21.82 -15.56 3.39
CA ALA C 106 -21.26 -14.30 3.85
C ALA C 106 -20.72 -14.37 5.29
N GLY C 107 -21.04 -15.46 6.00
CA GLY C 107 -20.53 -15.73 7.33
C GLY C 107 -21.50 -15.60 8.49
N THR C 108 -21.11 -16.15 9.64
CA THR C 108 -21.79 -15.99 10.91
C THR C 108 -20.76 -15.55 11.96
N ALA C 109 -20.86 -14.32 12.45
CA ALA C 109 -20.00 -13.82 13.52
C ALA C 109 -20.50 -14.28 14.87
N LEU C 110 -19.93 -15.38 15.35
CA LEU C 110 -20.33 -16.03 16.60
C LEU C 110 -19.53 -15.48 17.78
N THR C 111 -20.22 -15.03 18.82
CA THR C 111 -19.56 -14.61 20.06
C THR C 111 -20.15 -15.36 21.26
N VAL C 112 -19.28 -16.05 22.00
CA VAL C 112 -19.70 -16.89 23.12
C VAL C 112 -19.04 -16.41 24.40
N LYS C 113 -19.84 -15.93 25.33
CA LYS C 113 -19.30 -15.51 26.63
C LYS C 113 -19.85 -16.33 27.79
N ALA C 114 -19.09 -16.40 28.89
CA ALA C 114 -19.53 -17.13 30.08
C ALA C 114 -20.59 -16.35 30.86
N ALA C 115 -21.27 -17.03 31.77
CA ALA C 115 -22.26 -16.44 32.69
C ALA C 115 -21.79 -15.09 33.27
N ALA C 116 -22.09 -14.01 32.54
CA ALA C 116 -21.58 -12.63 32.81
C ALA C 116 -20.16 -12.43 32.27
N ALA D 1 -13.86 31.74 22.92
CA ALA D 1 -13.39 32.36 24.19
C ALA D 1 -12.11 33.17 24.01
N TRP D 2 -11.74 33.89 25.07
CA TRP D 2 -10.47 34.60 25.10
C TRP D 2 -10.00 34.62 26.55
N VAL D 3 -8.71 34.80 26.75
CA VAL D 3 -8.12 34.79 28.07
C VAL D 3 -7.63 36.20 28.39
N ASP D 4 -8.21 36.75 29.46
CA ASP D 4 -7.97 38.10 29.93
C ASP D 4 -6.74 38.09 30.81
N GLN D 5 -5.62 38.59 30.27
CA GLN D 5 -4.37 38.67 31.05
C GLN D 5 -4.02 40.09 31.58
N THR D 6 -3.80 40.19 32.89
CA THR D 6 -3.32 41.45 33.54
C THR D 6 -2.14 41.18 34.47
N PRO D 7 -1.24 42.16 34.63
CA PRO D 7 -1.21 43.44 33.93
C PRO D 7 -0.55 43.34 32.55
N ARG D 8 -0.80 44.33 31.71
CA ARG D 8 -0.17 44.41 30.38
C ARG D 8 1.32 44.72 30.55
N THR D 9 1.63 45.73 31.37
CA THR D 9 3.03 46.11 31.58
C THR D 9 3.37 46.12 33.07
N ALA D 10 4.63 45.82 33.38
CA ALA D 10 5.14 45.91 34.74
C ALA D 10 6.58 46.36 34.74
N THR D 11 6.83 47.42 35.50
CA THR D 11 8.15 47.90 35.77
C THR D 11 8.40 47.65 37.25
N LYS D 12 9.35 46.77 37.54
CA LYS D 12 9.62 46.36 38.90
C LYS D 12 11.08 46.55 39.27
N GLU D 13 11.35 46.67 40.56
CA GLU D 13 12.72 46.71 41.05
C GLU D 13 13.13 45.30 41.51
N THR D 14 14.42 44.95 41.34
CA THR D 14 14.92 43.67 41.85
C THR D 14 14.46 43.42 43.28
N GLY D 15 14.00 42.21 43.53
CA GLY D 15 13.54 41.85 44.87
C GLY D 15 12.04 41.93 45.08
N GLU D 16 11.37 42.76 44.28
CA GLU D 16 9.93 42.94 44.41
C GLU D 16 9.13 41.72 43.95
N SER D 17 7.82 41.88 43.96
CA SER D 17 6.93 40.79 43.66
C SER D 17 6.01 41.14 42.49
N LEU D 18 5.57 40.13 41.74
CA LEU D 18 4.66 40.33 40.60
C LEU D 18 3.63 39.22 40.53
N THR D 19 2.36 39.59 40.43
CA THR D 19 1.29 38.62 40.21
C THR D 19 0.68 38.82 38.81
N ILE D 20 0.70 37.78 37.97
CA ILE D 20 -0.02 37.87 36.71
C ILE D 20 -1.32 37.09 36.89
N ASN D 21 -2.45 37.78 36.78
CA ASN D 21 -3.76 37.12 36.76
C ASN D 21 -4.28 36.84 35.33
N CYS D 22 -4.86 35.67 35.12
CA CYS D 22 -5.53 35.33 33.85
C CYS D 22 -6.95 34.79 34.06
N VAL D 23 -7.87 35.21 33.20
CA VAL D 23 -9.26 34.77 33.27
C VAL D 23 -9.76 34.27 31.92
N LEU D 24 -10.29 33.05 31.91
CA LEU D 24 -10.91 32.47 30.72
C LEU D 24 -12.27 33.09 30.57
N ARG D 25 -12.49 33.90 29.53
CA ARG D 25 -13.77 34.62 29.37
C ARG D 25 -14.55 34.16 28.12
N ASP D 26 -15.89 34.22 28.23
CA ASP D 26 -16.87 33.44 27.42
C ASP D 26 -16.41 32.08 26.86
N ALA D 27 -16.26 31.11 27.76
CA ALA D 27 -15.73 29.79 27.42
C ALA D 27 -16.77 28.73 27.66
N SER D 28 -16.99 27.92 26.64
CA SER D 28 -18.02 26.89 26.65
C SER D 28 -17.68 25.80 27.65
N PHE D 29 -16.40 25.44 27.69
CA PHE D 29 -15.97 24.31 28.48
C PHE D 29 -15.26 24.85 29.70
N GLU D 30 -14.87 23.96 30.60
CA GLU D 30 -14.16 24.36 31.79
C GLU D 30 -12.65 24.40 31.56
N LEU D 31 -11.97 25.15 32.41
CA LEU D 31 -10.53 25.16 32.45
C LEU D 31 -10.04 23.80 32.96
N LYS D 32 -9.32 23.06 32.13
CA LYS D 32 -8.83 21.75 32.53
C LYS D 32 -7.37 21.77 33.00
N ASP D 33 -6.57 22.62 32.38
CA ASP D 33 -5.16 22.72 32.71
C ASP D 33 -4.63 24.04 32.16
N THR D 34 -3.45 24.43 32.62
CA THR D 34 -2.92 25.75 32.29
C THR D 34 -1.45 25.59 31.99
N GLY D 35 -0.91 26.57 31.27
CA GLY D 35 0.53 26.64 31.01
C GLY D 35 0.97 28.09 30.97
N TRP D 36 2.29 28.31 31.13
CA TRP D 36 2.89 29.64 31.15
C TRP D 36 4.12 29.69 30.26
N TYR D 37 4.21 30.76 29.47
CA TYR D 37 5.20 30.92 28.41
C TYR D 37 5.82 32.29 28.57
N ARG D 38 7.10 32.41 28.23
CA ARG D 38 7.75 33.72 28.23
C ARG D 38 8.74 33.92 27.09
N THR D 39 8.76 35.13 26.53
CA THR D 39 9.79 35.56 25.59
C THR D 39 10.69 36.53 26.32
N LYS D 40 11.96 36.19 26.51
CA LYS D 40 12.88 37.07 27.25
C LYS D 40 13.22 38.29 26.40
N LEU D 41 13.51 39.41 27.04
CA LEU D 41 13.83 40.62 26.30
C LEU D 41 15.25 40.47 25.78
N GLY D 42 15.35 40.23 24.48
CA GLY D 42 16.61 39.83 23.86
C GLY D 42 16.37 38.70 22.87
N SER D 43 15.46 37.80 23.21
CA SER D 43 15.10 36.69 22.33
C SER D 43 13.83 36.99 21.54
N THR D 44 13.55 36.16 20.54
CA THR D 44 12.22 36.16 19.92
C THR D 44 11.54 34.80 20.14
N ASN D 45 12.12 34.01 21.03
CA ASN D 45 11.69 32.65 21.22
C ASN D 45 10.88 32.48 22.50
N GLU D 46 9.60 32.16 22.34
CA GLU D 46 8.73 31.94 23.47
C GLU D 46 9.02 30.56 24.04
N GLN D 47 9.23 30.49 25.34
CA GLN D 47 9.64 29.24 25.98
C GLN D 47 8.79 28.88 27.19
N SER D 48 8.71 27.59 27.46
CA SER D 48 8.02 27.09 28.64
C SER D 48 8.68 27.55 29.92
N ILE D 49 7.87 28.15 30.78
CA ILE D 49 8.27 28.45 32.14
C ILE D 49 8.10 27.18 32.97
N SER D 50 9.07 26.94 33.84
CA SER D 50 8.99 25.84 34.81
C SER D 50 8.45 26.33 36.17
N ILE D 51 7.17 26.06 36.44
CA ILE D 51 6.56 26.38 37.75
C ILE D 51 7.36 25.76 38.91
N GLY D 52 7.60 26.55 39.95
CA GLY D 52 8.43 26.09 41.06
C GLY D 52 9.38 27.17 41.53
N GLY D 53 9.94 26.97 42.73
CA GLY D 53 10.85 27.96 43.31
C GLY D 53 10.09 29.25 43.50
N ARG D 54 10.58 30.33 42.90
CA ARG D 54 9.96 31.64 43.05
C ARG D 54 8.68 31.78 42.19
N TYR D 55 8.49 30.88 41.22
CA TYR D 55 7.29 30.92 40.38
C TYR D 55 6.19 30.03 40.94
N VAL D 56 5.13 30.68 41.44
CA VAL D 56 4.03 30.00 42.12
C VAL D 56 2.73 30.25 41.39
N GLU D 57 2.10 29.17 40.95
CA GLU D 57 0.81 29.26 40.28
C GLU D 57 -0.35 28.85 41.22
N THR D 58 -1.44 29.61 41.14
CA THR D 58 -2.71 29.25 41.73
C THR D 58 -3.65 29.06 40.58
N VAL D 59 -4.48 28.03 40.65
CA VAL D 59 -5.49 27.79 39.64
C VAL D 59 -6.85 27.70 40.33
N ASN D 60 -7.77 28.55 39.91
CA ASN D 60 -9.16 28.54 40.36
C ASN D 60 -10.07 27.90 39.26
N LYS D 61 -10.31 26.60 39.31
CA LYS D 61 -11.11 25.96 38.25
C LYS D 61 -12.60 26.31 38.28
N GLY D 62 -13.15 26.52 39.48
CA GLY D 62 -14.50 27.05 39.63
C GLY D 62 -14.76 28.35 38.88
N SER D 63 -13.86 29.32 39.03
CA SER D 63 -14.05 30.66 38.45
C SER D 63 -13.28 30.88 37.14
N LYS D 64 -12.74 29.78 36.59
CA LYS D 64 -11.97 29.74 35.34
C LYS D 64 -10.83 30.78 35.27
N SER D 65 -10.15 30.93 36.39
CA SER D 65 -9.05 31.88 36.47
C SER D 65 -7.83 31.20 37.06
N PHE D 66 -6.67 31.77 36.76
CA PHE D 66 -5.39 31.25 37.23
C PHE D 66 -4.34 32.36 37.28
N SER D 67 -3.40 32.24 38.21
CA SER D 67 -2.42 33.31 38.34
C SER D 67 -1.03 32.80 38.60
N LEU D 68 -0.04 33.59 38.20
CA LEU D 68 1.37 33.29 38.45
C LEU D 68 1.95 34.40 39.32
N ARG D 69 2.43 34.04 40.51
CA ARG D 69 3.15 35.00 41.35
C ARG D 69 4.65 34.74 41.32
N ILE D 70 5.40 35.75 40.89
CA ILE D 70 6.84 35.72 40.93
C ILE D 70 7.32 36.54 42.10
N SER D 71 8.08 35.94 43.00
CA SER D 71 8.62 36.67 44.14
C SER D 71 10.13 36.84 44.00
N ASP D 72 10.72 37.71 44.83
CA ASP D 72 12.15 38.04 44.75
C ASP D 72 12.58 38.21 43.29
N LEU D 73 11.95 39.16 42.60
CA LEU D 73 12.17 39.40 41.19
C LEU D 73 13.63 39.64 40.82
N ARG D 74 14.04 39.06 39.70
CA ARG D 74 15.40 39.19 39.21
C ARG D 74 15.36 39.84 37.83
N VAL D 75 16.43 40.53 37.43
CA VAL D 75 16.44 41.14 36.08
C VAL D 75 16.23 40.10 34.97
N GLU D 76 16.69 38.89 35.26
CA GLU D 76 16.61 37.77 34.34
C GLU D 76 15.18 37.32 34.12
N ASP D 77 14.28 37.73 35.02
CA ASP D 77 12.85 37.49 34.83
C ASP D 77 12.26 38.38 33.72
N SER D 78 13.02 39.38 33.23
CA SER D 78 12.47 40.35 32.29
C SER D 78 11.98 39.68 31.02
N GLY D 79 10.83 40.13 30.51
CA GLY D 79 10.27 39.59 29.27
C GLY D 79 8.76 39.65 29.24
N THR D 80 8.18 39.10 28.18
CA THR D 80 6.74 39.10 27.99
C THR D 80 6.21 37.73 28.40
N TYR D 81 5.36 37.71 29.43
CA TYR D 81 4.75 36.47 29.93
C TYR D 81 3.36 36.26 29.35
N LYS D 82 3.09 35.04 28.88
CA LYS D 82 1.76 34.65 28.43
C LYS D 82 1.28 33.41 29.16
N CYS D 83 0.01 33.42 29.55
CA CYS D 83 -0.62 32.28 30.16
C CYS D 83 -1.46 31.58 29.09
N GLN D 84 -1.72 30.28 29.26
CA GLN D 84 -2.53 29.57 28.28
C GLN D 84 -3.52 28.63 28.95
N ALA D 85 -4.74 28.60 28.43
CA ALA D 85 -5.77 27.72 28.95
C ALA D 85 -5.83 26.43 28.12
N PHE D 86 -6.21 25.33 28.76
CA PHE D 86 -6.40 24.08 28.05
C PHE D 86 -7.79 23.56 28.40
N TYR D 87 -8.53 23.10 27.40
CA TYR D 87 -9.85 22.51 27.66
C TYR D 87 -9.80 20.98 27.58
N SER D 88 -10.83 20.32 28.10
CA SER D 88 -10.92 18.86 28.07
C SER D 88 -11.83 18.37 26.95
N LEU D 89 -11.59 17.15 26.52
CA LEU D 89 -12.43 16.50 25.53
C LEU D 89 -12.55 15.04 25.91
N LEU D 90 -13.77 14.55 26.11
CA LEU D 90 -13.98 13.13 26.35
C LEU D 90 -14.27 12.44 25.03
N LEU D 91 -13.55 11.37 24.73
CA LEU D 91 -13.97 10.55 23.59
C LEU D 91 -15.33 9.96 23.96
N ARG D 92 -16.20 9.79 22.96
CA ARG D 92 -17.61 9.49 23.19
C ARG D 92 -17.86 8.26 24.06
N ASP D 93 -16.89 7.35 24.10
CA ASP D 93 -16.86 6.36 25.18
C ASP D 93 -15.98 6.92 26.29
N TYR D 94 -14.85 6.28 26.55
CA TYR D 94 -13.89 6.68 27.60
C TYR D 94 -12.90 5.51 27.85
N ASN D 95 -12.24 5.43 29.02
CA ASN D 95 -12.29 6.41 30.11
C ASN D 95 -11.16 7.41 29.96
N TYR D 96 -10.46 7.32 28.83
CA TYR D 96 -9.37 8.24 28.50
C TYR D 96 -9.92 9.60 28.09
N SER D 97 -9.29 10.64 28.61
CA SER D 97 -9.60 12.02 28.24
C SER D 97 -8.48 12.60 27.37
N LEU D 98 -8.74 13.75 26.74
CA LEU D 98 -7.79 14.37 25.83
C LEU D 98 -7.81 15.87 25.99
N LEU D 99 -6.63 16.45 26.17
CA LEU D 99 -6.47 17.89 26.28
C LEU D 99 -6.58 18.63 24.95
N PHE D 100 -6.98 19.89 25.02
CA PHE D 100 -7.09 20.77 23.87
C PHE D 100 -6.46 22.15 24.16
N ARG D 101 -5.60 22.62 23.27
CA ARG D 101 -4.88 23.88 23.49
C ARG D 101 -5.81 25.07 23.25
N GLY D 102 -6.15 25.79 24.32
CA GLY D 102 -7.11 26.87 24.23
C GLY D 102 -6.54 28.23 23.92
N GLU D 103 -7.20 29.26 24.43
CA GLU D 103 -6.72 30.62 24.18
C GLU D 103 -5.58 31.03 25.11
N LYS D 104 -4.91 32.11 24.72
CA LYS D 104 -3.69 32.59 25.32
C LYS D 104 -3.92 34.05 25.60
N GLY D 105 -3.45 34.54 26.76
CA GLY D 105 -3.52 35.95 27.08
C GLY D 105 -2.73 36.81 26.10
N ALA D 106 -2.95 38.13 26.19
CA ALA D 106 -2.24 39.10 25.35
C ALA D 106 -0.83 39.42 25.87
N GLY D 107 -0.50 38.90 27.05
CA GLY D 107 0.85 39.08 27.57
C GLY D 107 1.08 40.12 28.66
N THR D 108 2.23 39.96 29.32
CA THR D 108 2.70 40.88 30.35
C THR D 108 4.14 41.26 30.03
N ALA D 109 4.38 42.53 29.71
CA ALA D 109 5.74 42.98 29.44
C ALA D 109 6.37 43.37 30.76
N LEU D 110 7.15 42.46 31.32
CA LEU D 110 7.81 42.68 32.61
C LEU D 110 9.25 43.19 32.45
N THR D 111 9.53 44.35 33.03
CA THR D 111 10.90 44.87 33.08
C THR D 111 11.34 44.89 34.52
N VAL D 112 12.52 44.33 34.79
CA VAL D 112 13.05 44.30 36.14
C VAL D 112 14.40 44.95 36.16
N LYS D 113 14.50 46.09 36.86
CA LYS D 113 15.75 46.80 37.00
C LYS D 113 16.14 46.85 38.47
N ALA D 114 17.43 46.99 38.74
CA ALA D 114 17.90 47.27 40.09
C ALA D 114 17.92 48.79 40.28
N ALA D 115 17.61 49.23 41.50
CA ALA D 115 17.78 50.63 41.95
C ALA D 115 18.09 51.64 40.82
N ALA D 116 19.37 51.82 40.50
CA ALA D 116 19.76 52.66 39.37
C ALA D 116 19.88 51.84 38.08
#